data_8WX3
#
_entry.id   8WX3
#
_cell.length_a   1.00
_cell.length_b   1.00
_cell.length_c   1.00
_cell.angle_alpha   90.00
_cell.angle_beta   90.00
_cell.angle_gamma   90.00
#
_symmetry.space_group_name_H-M   'P 1'
#
_entity_poly.entity_id   1
_entity_poly.type   'polypeptide(L)'
_entity_poly.pdbx_seq_one_letter_code
;MEGSGGGAGERAPLLGARRAAAAAAAAGAFAGRRAACGAVLLTELLERAAFYGITSNLVLFLNGAPFCWEGAQASEALLL
FMGLTYLGSPFGGWLADARLGRARAILLSLALYLLGMLAFPLLAAPATRAALCGSARLLNCTAPGPDAAARCCSPATFAG
LVLVGLGVATVKANITPFGADQVKDRGPEATRRFFNWFYWSINLGAILSLGGIAYIQQNVSFVTGYAIPTVCVGLAFVVF
LCGQSVFITKPPDGSAFTDMFKILTYSCCSQKRSGERQSNGEGIGVFQQSSKQSLFDSCKMSHGGPFTEEKVEDVKALVK
IVPVFLALIPYWTVYFQMQTTYVLQSLHLRIPEISNITTTPHTLPAAWLTMFDAVLILLLIPLKDKLVDPILRRHGLLPS
SLKRIAVGMFFVMCSAFAAGILESKRLNLVKEKTINQTIGNVVYHAADLSLWWQVPQYLLIGISEIFASIAGLEFAYSAA
PKSMQSAIMGLFFFFSGVGSFVGSGLLALVSIKAIGWMSSHTDFGNINGCYLNYYFFLLAAIQGATLLLFLIISVKYDHH
RDHQRSRANGVPTSRRAGSIEGRIVKDYKDDDDKHHHHHH
;
_entity_poly.pdbx_strand_id   A,B
#
# COMPACT_ATOMS: atom_id res chain seq x y z
N ALA A 31 -27.15 -3.48 29.29
CA ALA A 31 -26.42 -4.64 29.81
C ALA A 31 -27.38 -5.76 30.18
N GLY A 32 -27.23 -6.28 31.41
CA GLY A 32 -28.04 -7.36 31.91
C GLY A 32 -27.45 -8.73 31.68
N ARG A 33 -26.74 -8.92 30.57
CA ARG A 33 -26.09 -10.18 30.25
C ARG A 33 -24.58 -10.07 30.39
N ARG A 34 -24.12 -9.29 31.36
CA ARG A 34 -22.69 -9.12 31.60
C ARG A 34 -22.03 -10.39 32.13
N ALA A 35 -22.72 -11.15 32.98
CA ALA A 35 -22.16 -12.39 33.51
C ALA A 35 -21.92 -13.43 32.43
N ALA A 36 -22.85 -13.56 31.49
CA ALA A 36 -22.67 -14.50 30.38
C ALA A 36 -21.50 -14.13 29.49
N CYS A 37 -21.24 -12.83 29.30
CA CYS A 37 -20.07 -12.39 28.54
C CYS A 37 -18.78 -12.63 29.33
N GLY A 38 -18.80 -12.33 30.63
CA GLY A 38 -17.61 -12.53 31.44
C GLY A 38 -17.20 -13.98 31.57
N ALA A 39 -18.18 -14.88 31.73
CA ALA A 39 -17.87 -16.30 31.82
C ALA A 39 -17.27 -16.86 30.54
N VAL A 40 -17.67 -16.33 29.38
CA VAL A 40 -17.04 -16.72 28.12
C VAL A 40 -15.67 -16.10 27.95
N LEU A 41 -15.51 -14.81 28.29
CA LEU A 41 -14.21 -14.17 28.15
C LEU A 41 -13.15 -14.80 29.04
N LEU A 42 -13.50 -15.10 30.30
CA LEU A 42 -12.53 -15.73 31.19
C LEU A 42 -12.16 -17.12 30.70
N THR A 43 -13.15 -17.89 30.21
CA THR A 43 -12.87 -19.21 29.66
C THR A 43 -11.93 -19.11 28.46
N GLU A 44 -12.17 -18.17 27.55
CA GLU A 44 -11.29 -17.98 26.41
C GLU A 44 -9.89 -17.56 26.83
N LEU A 45 -9.80 -16.69 27.85
CA LEU A 45 -8.49 -16.27 28.34
C LEU A 45 -7.71 -17.46 28.89
N LEU A 46 -8.36 -18.29 29.72
CA LEU A 46 -7.68 -19.45 30.28
C LEU A 46 -7.30 -20.46 29.20
N GLU A 47 -8.18 -20.64 28.21
CA GLU A 47 -7.87 -21.50 27.07
C GLU A 47 -6.64 -20.99 26.31
N ARG A 48 -6.57 -19.69 26.07
CA ARG A 48 -5.42 -19.14 25.35
C ARG A 48 -4.15 -19.28 26.17
N ALA A 49 -4.22 -19.03 27.48
CA ALA A 49 -3.06 -19.23 28.33
C ALA A 49 -2.58 -20.67 28.29
N ALA A 50 -3.49 -21.63 28.38
CA ALA A 50 -3.10 -23.02 28.27
C ALA A 50 -2.51 -23.36 26.90
N PHE A 51 -3.07 -22.79 25.83
CA PHE A 51 -2.58 -23.09 24.49
C PHE A 51 -1.17 -22.55 24.28
N TYR A 52 -0.90 -21.30 24.65
CA TYR A 52 0.46 -20.77 24.58
C TYR A 52 1.38 -21.32 25.66
N GLY A 53 0.85 -22.03 26.65
CA GLY A 53 1.71 -22.71 27.59
C GLY A 53 2.42 -23.91 26.99
N ILE A 54 1.91 -24.41 25.87
CA ILE A 54 2.50 -25.59 25.22
C ILE A 54 3.39 -25.20 24.05
N THR A 55 2.85 -24.43 23.10
CA THR A 55 3.57 -24.16 21.87
C THR A 55 4.81 -23.31 22.12
N SER A 56 4.82 -22.55 23.21
CA SER A 56 5.94 -21.65 23.48
C SER A 56 7.24 -22.42 23.69
N ASN A 57 7.19 -23.53 24.44
CA ASN A 57 8.39 -24.28 24.78
C ASN A 57 8.23 -25.78 24.51
N LEU A 58 7.37 -26.17 23.57
CA LEU A 58 7.22 -27.58 23.27
C LEU A 58 8.49 -28.15 22.64
N VAL A 59 9.11 -27.42 21.72
CA VAL A 59 10.29 -27.93 21.05
C VAL A 59 11.46 -28.11 22.01
N LEU A 60 11.70 -27.13 22.88
CA LEU A 60 12.81 -27.23 23.84
C LEU A 60 12.58 -28.32 24.87
N PHE A 61 11.33 -28.53 25.30
CA PHE A 61 11.03 -29.61 26.25
C PHE A 61 11.24 -30.98 25.62
N LEU A 62 10.82 -31.16 24.38
CA LEU A 62 11.05 -32.41 23.68
C LEU A 62 12.52 -32.62 23.35
N ASN A 63 13.31 -31.55 23.35
CA ASN A 63 14.74 -31.64 23.09
C ASN A 63 15.50 -31.61 24.41
N GLY A 64 15.48 -32.75 25.09
CA GLY A 64 16.24 -32.88 26.32
C GLY A 64 15.63 -33.79 27.37
N ALA A 65 16.48 -34.18 28.32
CA ALA A 65 16.19 -35.11 29.42
C ALA A 65 15.55 -36.38 28.84
N PRO A 66 14.31 -36.79 29.16
CA PRO A 66 13.93 -38.18 28.83
C PRO A 66 13.61 -38.43 27.37
N PHE A 67 13.53 -37.40 26.53
CA PHE A 67 13.18 -37.59 25.13
C PHE A 67 14.41 -37.58 24.24
N CYS A 68 15.16 -36.48 24.26
CA CYS A 68 16.39 -36.32 23.48
C CYS A 68 16.16 -36.63 22.00
N TRP A 69 15.10 -36.04 21.45
CA TRP A 69 14.92 -36.11 20.01
C TRP A 69 15.98 -35.26 19.32
N GLU A 70 16.41 -35.70 18.13
CA GLU A 70 17.55 -35.10 17.46
C GLU A 70 17.32 -33.64 17.11
N GLY A 71 16.07 -33.22 16.99
CA GLY A 71 15.76 -31.84 16.71
C GLY A 71 14.90 -31.65 15.49
N ALA A 72 15.05 -32.54 14.51
CA ALA A 72 14.23 -32.48 13.31
C ALA A 72 12.80 -32.96 13.54
N GLN A 73 12.61 -33.99 14.36
CA GLN A 73 11.27 -34.47 14.67
C GLN A 73 10.63 -33.71 15.83
N ALA A 74 11.44 -33.03 16.65
CA ALA A 74 10.88 -32.19 17.70
C ALA A 74 10.05 -31.06 17.11
N SER A 75 10.53 -30.45 16.03
CA SER A 75 9.73 -29.48 15.29
C SER A 75 8.59 -30.13 14.52
N GLU A 76 8.74 -31.39 14.13
CA GLU A 76 7.66 -32.09 13.45
C GLU A 76 6.45 -32.28 14.36
N ALA A 77 6.69 -32.55 15.64
CA ALA A 77 5.58 -32.67 16.58
C ALA A 77 4.80 -31.37 16.68
N LEU A 78 5.51 -30.24 16.77
CA LEU A 78 4.85 -28.94 16.79
C LEU A 78 4.13 -28.64 15.48
N LEU A 79 4.73 -28.96 14.34
CA LEU A 79 4.12 -28.74 13.04
C LEU A 79 2.91 -29.62 12.81
N LEU A 80 2.82 -30.77 13.48
CA LEU A 80 1.64 -31.62 13.45
C LEU A 80 0.55 -31.14 14.40
N PHE A 81 0.93 -30.72 15.61
CA PHE A 81 -0.03 -30.16 16.55
C PHE A 81 -0.68 -28.90 15.99
N MET A 82 0.13 -27.99 15.46
CA MET A 82 -0.38 -26.84 14.73
C MET A 82 -0.71 -27.28 13.31
N GLY A 83 -1.98 -27.52 13.05
CA GLY A 83 -2.40 -28.19 11.85
C GLY A 83 -3.40 -29.28 12.18
N LEU A 84 -3.18 -29.98 13.29
CA LEU A 84 -4.29 -30.69 13.92
C LEU A 84 -5.22 -29.71 14.60
N THR A 85 -4.67 -28.57 15.05
CA THR A 85 -5.50 -27.49 15.56
C THR A 85 -6.45 -26.95 14.50
N TYR A 86 -6.05 -26.99 13.23
CA TYR A 86 -6.85 -26.44 12.14
C TYR A 86 -7.68 -27.49 11.40
N LEU A 87 -7.15 -28.69 11.19
CA LEU A 87 -7.87 -29.71 10.43
C LEU A 87 -9.12 -30.19 11.14
N GLY A 88 -9.09 -30.30 12.46
CA GLY A 88 -10.24 -30.77 13.23
C GLY A 88 -11.24 -29.71 13.60
N SER A 89 -11.08 -28.48 13.10
CA SER A 89 -12.00 -27.40 13.48
C SER A 89 -13.35 -27.52 12.77
N PRO A 90 -13.41 -27.72 11.44
CA PRO A 90 -14.73 -27.91 10.82
C PRO A 90 -15.48 -29.11 11.37
N PHE A 91 -14.78 -30.19 11.72
CA PHE A 91 -15.45 -31.35 12.28
C PHE A 91 -16.03 -31.06 13.66
N GLY A 92 -15.32 -30.31 14.49
CA GLY A 92 -15.89 -29.88 15.76
C GLY A 92 -17.08 -28.97 15.58
N GLY A 93 -17.01 -28.05 14.61
CA GLY A 93 -18.16 -27.22 14.30
C GLY A 93 -19.37 -28.00 13.84
N TRP A 94 -19.17 -29.00 12.98
CA TRP A 94 -20.28 -29.88 12.58
C TRP A 94 -20.82 -30.68 13.76
N LEU A 95 -19.93 -31.16 14.63
CA LEU A 95 -20.37 -31.92 15.80
C LEU A 95 -21.24 -31.07 16.71
N ALA A 96 -20.91 -29.79 16.88
CA ALA A 96 -21.68 -28.94 17.75
C ALA A 96 -22.92 -28.35 17.08
N ASP A 97 -23.17 -28.65 15.82
CA ASP A 97 -24.38 -28.20 15.14
C ASP A 97 -25.34 -29.35 14.85
N ALA A 98 -24.82 -30.53 14.52
CA ALA A 98 -25.68 -31.67 14.22
C ALA A 98 -25.99 -32.51 15.45
N ARG A 99 -24.99 -32.83 16.26
CA ARG A 99 -25.19 -33.72 17.39
C ARG A 99 -25.32 -32.96 18.72
N LEU A 100 -24.32 -32.15 19.05
CA LEU A 100 -24.30 -31.47 20.33
C LEU A 100 -24.80 -30.04 20.18
N GLY A 101 -25.04 -29.39 21.32
CA GLY A 101 -25.67 -28.08 21.33
C GLY A 101 -24.73 -26.91 21.47
N ARG A 102 -23.44 -27.10 21.16
CA ARG A 102 -22.41 -26.08 21.18
C ARG A 102 -22.04 -25.67 22.60
N ALA A 103 -22.78 -26.19 23.59
CA ALA A 103 -22.40 -25.99 24.97
C ALA A 103 -21.84 -27.29 25.56
N ARG A 104 -22.62 -28.37 25.44
CA ARG A 104 -22.08 -29.69 25.75
C ARG A 104 -20.88 -30.03 24.88
N ALA A 105 -20.84 -29.54 23.64
CA ALA A 105 -19.65 -29.70 22.81
C ALA A 105 -18.44 -28.99 23.36
N ILE A 106 -18.60 -27.75 23.85
CA ILE A 106 -17.49 -27.06 24.50
C ILE A 106 -17.05 -27.78 25.77
N LEU A 107 -17.99 -28.27 26.58
CA LEU A 107 -17.63 -29.06 27.75
C LEU A 107 -16.86 -30.32 27.39
N LEU A 108 -17.33 -31.07 26.38
CA LEU A 108 -16.64 -32.27 25.96
C LEU A 108 -15.26 -31.97 25.41
N SER A 109 -15.12 -30.90 24.63
CA SER A 109 -13.83 -30.48 24.11
C SER A 109 -12.87 -30.06 25.20
N LEU A 110 -13.34 -29.32 26.21
CA LEU A 110 -12.49 -28.95 27.33
C LEU A 110 -12.10 -30.15 28.19
N ALA A 111 -13.00 -31.12 28.36
CA ALA A 111 -12.67 -32.33 29.11
C ALA A 111 -11.59 -33.16 28.44
N LEU A 112 -11.69 -33.37 27.13
CA LEU A 112 -10.61 -34.05 26.42
C LEU A 112 -9.35 -33.19 26.38
N TYR A 113 -9.53 -31.88 26.30
CA TYR A 113 -8.41 -30.96 26.33
C TYR A 113 -7.69 -31.03 27.67
N LEU A 114 -8.44 -31.09 28.76
CA LEU A 114 -7.88 -31.24 30.10
C LEU A 114 -7.20 -32.59 30.30
N LEU A 115 -7.77 -33.67 29.78
CA LEU A 115 -7.16 -34.99 29.92
C LEU A 115 -5.83 -35.10 29.18
N GLY A 116 -5.70 -34.43 28.04
CA GLY A 116 -4.46 -34.41 27.30
C GLY A 116 -3.41 -33.49 27.86
N MET A 117 -3.78 -32.56 28.74
CA MET A 117 -2.80 -31.67 29.34
C MET A 117 -1.93 -32.40 30.35
N LEU A 118 -2.52 -33.32 31.12
CA LEU A 118 -1.82 -33.96 32.23
C LEU A 118 -0.60 -34.74 31.76
N ALA A 119 -0.56 -35.13 30.49
CA ALA A 119 0.55 -35.95 30.00
C ALA A 119 1.89 -35.23 30.16
N PHE A 120 1.94 -33.92 29.88
CA PHE A 120 3.21 -33.21 29.98
C PHE A 120 3.69 -33.09 31.43
N PRO A 121 2.90 -32.64 32.40
CA PRO A 121 3.39 -32.67 33.79
C PRO A 121 3.71 -34.06 34.29
N LEU A 122 2.95 -35.07 33.88
CA LEU A 122 3.29 -36.44 34.29
C LEU A 122 4.58 -36.93 33.65
N LEU A 123 4.92 -36.41 32.47
CA LEU A 123 6.14 -36.80 31.78
C LEU A 123 7.35 -35.98 32.21
N ALA A 124 7.13 -34.83 32.85
CA ALA A 124 8.23 -34.01 33.34
C ALA A 124 8.66 -34.37 34.76
N ALA A 125 7.77 -34.95 35.56
CA ALA A 125 8.09 -35.34 36.92
C ALA A 125 8.70 -36.73 36.94
N PRO A 126 9.91 -36.90 37.50
CA PRO A 126 10.51 -38.24 37.56
C PRO A 126 9.69 -39.23 38.35
N ALA A 127 8.92 -38.77 39.34
CA ALA A 127 8.11 -39.67 40.13
C ALA A 127 7.02 -40.35 39.29
N THR A 128 6.46 -39.63 38.31
CA THR A 128 5.43 -40.18 37.46
C THR A 128 5.89 -40.44 36.03
N ARG A 129 7.14 -40.12 35.69
CA ARG A 129 7.63 -40.39 34.35
C ARG A 129 7.66 -41.90 34.05
N ALA A 130 8.03 -42.70 35.05
CA ALA A 130 8.09 -44.15 34.85
C ALA A 130 6.73 -44.77 34.63
N ALA A 131 5.64 -44.04 34.95
CA ALA A 131 4.31 -44.57 34.73
C ALA A 131 3.94 -44.58 33.25
N LEU A 132 4.30 -43.53 32.51
CA LEU A 132 3.95 -43.44 31.10
C LEU A 132 5.04 -43.97 30.18
N CYS A 133 6.29 -44.03 30.64
CA CYS A 133 7.41 -44.53 29.87
C CYS A 133 8.11 -45.64 30.63
N GLY A 134 8.68 -46.58 29.88
CA GLY A 134 9.26 -47.77 30.49
C GLY A 134 10.44 -47.49 31.40
N SER A 135 11.56 -47.07 30.84
CA SER A 135 12.75 -46.80 31.64
C SER A 135 13.63 -45.81 30.85
N ALA A 136 13.60 -44.54 31.27
CA ALA A 136 14.38 -43.48 30.64
C ALA A 136 14.86 -42.52 31.72
N ARG A 137 16.13 -42.63 32.10
CA ARG A 137 16.75 -41.76 33.08
C ARG A 137 18.12 -41.29 32.58
N LEU A 138 18.16 -40.85 31.33
CA LEU A 138 19.41 -40.36 30.76
C LEU A 138 19.81 -39.05 31.41
N LEU A 139 21.07 -38.96 31.83
CA LEU A 139 21.62 -37.72 32.39
C LEU A 139 21.51 -36.60 31.37
N ASN A 140 22.13 -36.80 30.21
CA ASN A 140 22.03 -35.89 29.09
C ASN A 140 21.98 -36.69 27.81
N CYS A 141 21.60 -36.05 26.72
CA CYS A 141 21.50 -36.73 25.43
C CYS A 141 22.86 -37.31 25.02
N THR A 142 22.95 -38.63 24.99
CA THR A 142 24.23 -39.27 24.68
C THR A 142 24.38 -39.51 23.19
N ALA A 143 23.46 -40.25 22.59
CA ALA A 143 23.52 -40.55 21.16
C ALA A 143 22.12 -40.81 20.62
N ALA A 150 14.12 -45.71 18.76
CA ALA A 150 13.92 -44.69 17.74
C ALA A 150 13.83 -43.31 18.37
N ARG A 151 12.73 -43.06 19.08
CA ARG A 151 12.51 -41.77 19.72
C ARG A 151 12.02 -41.95 21.16
N CYS A 152 12.57 -42.96 21.84
CA CYS A 152 12.23 -43.30 23.24
C CYS A 152 10.72 -43.57 23.31
N CYS A 153 10.00 -42.95 24.24
CA CYS A 153 8.57 -43.23 24.45
C CYS A 153 7.75 -42.16 23.74
N SER A 154 7.37 -42.44 22.50
CA SER A 154 6.54 -41.57 21.67
C SER A 154 5.04 -41.65 21.97
N PRO A 155 4.43 -42.85 22.19
CA PRO A 155 2.95 -42.93 22.16
C PRO A 155 2.25 -42.00 23.14
N ALA A 156 2.79 -41.82 24.34
CA ALA A 156 2.20 -40.91 25.30
C ALA A 156 2.22 -39.47 24.84
N THR A 157 3.36 -39.00 24.34
CA THR A 157 3.47 -37.62 23.84
C THR A 157 2.52 -37.38 22.67
N PHE A 158 2.47 -38.31 21.72
CA PHE A 158 1.60 -38.16 20.56
C PHE A 158 0.13 -38.22 20.94
N ALA A 159 -0.26 -39.12 21.85
CA ALA A 159 -1.63 -39.14 22.32
C ALA A 159 -2.01 -37.83 23.01
N GLY A 160 -1.16 -37.34 23.91
CA GLY A 160 -1.42 -36.07 24.55
C GLY A 160 -1.55 -34.93 23.56
N LEU A 161 -0.65 -34.86 22.58
CA LEU A 161 -0.73 -33.84 21.55
C LEU A 161 -2.00 -33.97 20.73
N VAL A 162 -2.42 -35.18 20.37
CA VAL A 162 -3.62 -35.36 19.57
C VAL A 162 -4.85 -34.89 20.33
N LEU A 163 -4.98 -35.29 21.60
CA LEU A 163 -6.12 -34.84 22.39
C LEU A 163 -6.09 -33.32 22.60
N VAL A 164 -4.93 -32.74 22.87
CA VAL A 164 -4.85 -31.29 23.07
C VAL A 164 -5.23 -30.56 21.80
N GLY A 165 -4.72 -31.03 20.65
CA GLY A 165 -5.03 -30.38 19.38
C GLY A 165 -6.49 -30.50 19.00
N LEU A 166 -7.08 -31.67 19.21
CA LEU A 166 -8.51 -31.83 18.92
C LEU A 166 -9.38 -31.04 19.88
N GLY A 167 -8.94 -30.85 21.12
CA GLY A 167 -9.64 -29.99 22.04
C GLY A 167 -9.58 -28.53 21.61
N VAL A 168 -8.40 -28.07 21.21
CA VAL A 168 -8.26 -26.69 20.73
C VAL A 168 -9.03 -26.46 19.44
N ALA A 169 -8.98 -27.40 18.49
CA ALA A 169 -9.71 -27.26 17.24
C ALA A 169 -11.21 -27.11 17.45
N THR A 170 -11.74 -27.68 18.52
CA THR A 170 -13.17 -27.60 18.83
C THR A 170 -13.52 -26.39 19.69
N VAL A 171 -12.70 -26.10 20.70
CA VAL A 171 -12.98 -24.99 21.61
C VAL A 171 -13.04 -23.66 20.90
N LYS A 172 -12.06 -23.34 20.06
CA LYS A 172 -12.09 -22.09 19.30
C LYS A 172 -13.32 -22.00 18.42
N ALA A 173 -13.53 -23.01 17.59
CA ALA A 173 -14.59 -22.98 16.59
C ALA A 173 -15.96 -22.91 17.23
N ASN A 174 -16.10 -23.36 18.48
CA ASN A 174 -17.42 -23.28 19.10
C ASN A 174 -17.58 -22.10 20.04
N ILE A 175 -16.52 -21.67 20.72
CA ILE A 175 -16.66 -20.57 21.66
C ILE A 175 -16.65 -19.22 20.96
N THR A 176 -16.06 -19.13 19.76
CA THR A 176 -16.09 -17.85 19.05
C THR A 176 -17.51 -17.44 18.69
N PRO A 177 -18.36 -18.31 18.11
CA PRO A 177 -19.75 -17.90 17.90
C PRO A 177 -20.61 -17.97 19.15
N PHE A 178 -20.33 -18.91 20.05
CA PHE A 178 -21.14 -19.06 21.26
C PHE A 178 -21.09 -17.81 22.12
N GLY A 179 -19.89 -17.23 22.28
CA GLY A 179 -19.77 -16.00 23.03
C GLY A 179 -20.51 -14.84 22.40
N ALA A 180 -20.43 -14.71 21.08
CA ALA A 180 -21.16 -13.66 20.38
C ALA A 180 -22.67 -13.88 20.40
N ASP A 181 -23.12 -15.11 20.61
CA ASP A 181 -24.55 -15.40 20.67
C ASP A 181 -25.22 -14.80 21.91
N GLN A 182 -24.45 -14.50 22.97
CA GLN A 182 -25.04 -13.92 24.17
C GLN A 182 -25.58 -12.52 23.92
N VAL A 183 -24.86 -11.72 23.14
CA VAL A 183 -25.29 -10.36 22.83
C VAL A 183 -25.71 -10.29 21.37
N LYS A 184 -26.10 -11.43 20.80
CA LYS A 184 -26.54 -11.47 19.41
C LYS A 184 -27.80 -10.65 19.16
N ASP A 185 -28.73 -10.64 20.10
CA ASP A 185 -30.00 -9.93 19.91
C ASP A 185 -29.90 -8.46 20.29
N ARG A 186 -28.86 -7.79 19.78
CA ARG A 186 -28.76 -6.34 19.95
C ARG A 186 -28.24 -5.64 18.71
N GLY A 187 -28.10 -6.33 17.58
CA GLY A 187 -27.56 -5.73 16.39
C GLY A 187 -26.08 -6.03 16.21
N PRO A 188 -25.57 -5.82 15.00
CA PRO A 188 -24.15 -6.11 14.75
C PRO A 188 -23.20 -5.26 15.58
N GLU A 189 -23.62 -4.08 16.04
CA GLU A 189 -22.73 -3.22 16.80
C GLU A 189 -22.35 -3.87 18.14
N ALA A 190 -23.31 -4.50 18.82
CA ALA A 190 -23.01 -5.19 20.07
C ALA A 190 -22.11 -6.39 19.84
N THR A 191 -22.33 -7.11 18.74
CA THR A 191 -21.46 -8.24 18.41
C THR A 191 -20.03 -7.78 18.15
N ARG A 192 -19.86 -6.69 17.41
CA ARG A 192 -18.52 -6.16 17.17
C ARG A 192 -17.85 -5.69 18.45
N ARG A 193 -18.63 -5.02 19.32
CA ARG A 193 -18.09 -4.59 20.60
C ARG A 193 -17.68 -5.78 21.45
N PHE A 194 -18.45 -6.86 21.42
CA PHE A 194 -18.06 -8.07 22.16
C PHE A 194 -16.82 -8.71 21.57
N PHE A 195 -16.71 -8.81 20.25
CA PHE A 195 -15.55 -9.39 19.62
C PHE A 195 -14.28 -8.59 19.88
N ASN A 196 -14.39 -7.27 20.03
CA ASN A 196 -13.23 -6.47 20.42
C ASN A 196 -12.63 -6.98 21.72
N TRP A 197 -13.44 -7.12 22.77
CA TRP A 197 -12.95 -7.63 24.04
C TRP A 197 -12.66 -9.13 24.01
N PHE A 198 -13.29 -9.86 23.09
CA PHE A 198 -12.93 -11.27 22.91
C PHE A 198 -11.48 -11.39 22.45
N TYR A 199 -11.10 -10.65 21.43
CA TYR A 199 -9.71 -10.59 20.99
C TYR A 199 -8.80 -10.00 22.05
N TRP A 200 -9.27 -9.01 22.80
CA TRP A 200 -8.49 -8.46 23.90
C TRP A 200 -8.15 -9.51 24.94
N SER A 201 -9.14 -10.34 25.31
CA SER A 201 -8.91 -11.41 26.26
C SER A 201 -8.00 -12.50 25.68
N ILE A 202 -8.17 -12.82 24.40
CA ILE A 202 -7.26 -13.75 23.74
C ILE A 202 -5.82 -13.28 23.86
N ASN A 203 -5.58 -11.99 23.62
CA ASN A 203 -4.22 -11.47 23.70
C ASN A 203 -3.71 -11.32 25.13
N LEU A 204 -4.57 -10.96 26.08
CA LEU A 204 -4.16 -10.88 27.47
C LEU A 204 -3.78 -12.24 28.03
N GLY A 205 -4.54 -13.29 27.71
CA GLY A 205 -4.14 -14.64 28.10
C GLY A 205 -2.84 -15.05 27.45
N ALA A 206 -2.64 -14.68 26.18
CA ALA A 206 -1.38 -14.99 25.52
C ALA A 206 -0.21 -14.32 26.20
N ILE A 207 -0.37 -13.06 26.62
CA ILE A 207 0.71 -12.39 27.34
C ILE A 207 0.95 -13.03 28.70
N LEU A 208 -0.13 -13.34 29.43
CA LEU A 208 0.02 -13.97 30.73
C LEU A 208 0.72 -15.32 30.63
N SER A 209 0.54 -16.02 29.50
CA SER A 209 1.20 -17.31 29.33
C SER A 209 2.64 -17.16 28.86
N LEU A 210 2.87 -16.32 27.84
CA LEU A 210 4.20 -16.20 27.26
C LEU A 210 5.17 -15.49 28.20
N GLY A 211 4.66 -14.59 29.04
CA GLY A 211 5.50 -13.88 29.96
C GLY A 211 5.72 -14.60 31.27
N GLY A 212 4.64 -15.12 31.85
CA GLY A 212 4.73 -15.79 33.13
C GLY A 212 5.02 -17.28 33.04
N ILE A 213 4.19 -18.01 32.29
CA ILE A 213 4.32 -19.46 32.24
C ILE A 213 5.58 -19.86 31.49
N ALA A 214 5.87 -19.19 30.37
CA ALA A 214 7.05 -19.53 29.59
C ALA A 214 8.35 -19.21 30.33
N TYR A 215 8.37 -18.14 31.13
CA TYR A 215 9.54 -17.84 31.95
C TYR A 215 9.79 -18.89 33.03
N ILE A 216 8.72 -19.40 33.65
CA ILE A 216 8.85 -20.51 34.59
C ILE A 216 9.28 -21.80 33.89
N GLN A 217 8.79 -22.05 32.68
CA GLN A 217 9.22 -23.22 31.91
C GLN A 217 10.70 -23.20 31.59
N GLN A 218 11.25 -22.04 31.21
CA GLN A 218 12.63 -21.97 30.75
C GLN A 218 13.65 -22.04 31.89
N ASN A 219 13.33 -21.46 33.05
CA ASN A 219 14.28 -21.38 34.16
C ASN A 219 13.91 -22.32 35.30
N VAL A 220 12.67 -22.26 35.79
CA VAL A 220 12.20 -23.15 36.84
C VAL A 220 11.92 -24.50 36.19
N SER A 221 11.77 -25.55 36.99
CA SER A 221 11.56 -26.90 36.46
C SER A 221 10.34 -26.96 35.55
N PHE A 222 10.35 -27.91 34.62
CA PHE A 222 9.25 -28.07 33.68
C PHE A 222 7.97 -28.48 34.38
N VAL A 223 8.07 -29.06 35.57
CA VAL A 223 6.91 -29.61 36.25
C VAL A 223 5.90 -28.51 36.57
N THR A 224 6.37 -27.41 37.17
CA THR A 224 5.48 -26.29 37.45
C THR A 224 4.97 -25.65 36.16
N GLY A 225 5.86 -25.54 35.16
CA GLY A 225 5.51 -24.89 33.91
C GLY A 225 4.50 -25.65 33.08
N TYR A 226 4.32 -26.94 33.35
CA TYR A 226 3.26 -27.72 32.72
C TYR A 226 2.13 -28.06 33.67
N ALA A 227 2.29 -27.79 34.97
CA ALA A 227 1.18 -27.89 35.89
C ALA A 227 0.30 -26.65 35.90
N ILE A 228 0.88 -25.47 35.65
CA ILE A 228 0.10 -24.24 35.57
C ILE A 228 -0.89 -24.28 34.40
N PRO A 229 -0.50 -24.65 33.17
CA PRO A 229 -1.50 -24.72 32.10
C PRO A 229 -2.63 -25.72 32.35
N THR A 230 -2.32 -26.85 32.99
CA THR A 230 -3.37 -27.80 33.32
C THR A 230 -4.35 -27.20 34.33
N VAL A 231 -3.84 -26.46 35.31
CA VAL A 231 -4.69 -25.73 36.23
C VAL A 231 -5.54 -24.71 35.49
N CYS A 232 -4.97 -24.02 34.51
CA CYS A 232 -5.75 -23.07 33.72
C CYS A 232 -6.88 -23.75 32.95
N VAL A 233 -6.60 -24.91 32.36
CA VAL A 233 -7.67 -25.67 31.70
C VAL A 233 -8.75 -26.10 32.67
N GLY A 234 -8.37 -26.60 33.85
CA GLY A 234 -9.36 -26.96 34.84
C GLY A 234 -10.22 -25.79 35.29
N LEU A 235 -9.60 -24.64 35.51
CA LEU A 235 -10.35 -23.44 35.86
C LEU A 235 -11.27 -23.00 34.73
N ALA A 236 -10.82 -23.10 33.47
CA ALA A 236 -11.70 -22.78 32.35
C ALA A 236 -12.91 -23.70 32.29
N PHE A 237 -12.70 -25.00 32.49
CA PHE A 237 -13.81 -25.94 32.52
C PHE A 237 -14.77 -25.63 33.65
N VAL A 238 -14.24 -25.34 34.84
CA VAL A 238 -15.10 -25.02 35.98
C VAL A 238 -15.88 -23.73 35.72
N VAL A 239 -15.24 -22.72 35.15
CA VAL A 239 -15.91 -21.46 34.85
C VAL A 239 -17.03 -21.67 33.85
N PHE A 240 -16.77 -22.42 32.78
CA PHE A 240 -17.83 -22.67 31.81
C PHE A 240 -18.98 -23.46 32.41
N LEU A 241 -18.68 -24.47 33.22
CA LEU A 241 -19.72 -25.26 33.87
C LEU A 241 -20.57 -24.39 34.79
N CYS A 242 -19.92 -23.50 35.55
CA CYS A 242 -20.66 -22.64 36.46
C CYS A 242 -21.49 -21.61 35.71
N GLY A 243 -20.94 -21.08 34.61
CA GLY A 243 -21.61 -20.02 33.88
C GLY A 243 -22.63 -20.48 32.88
N GLN A 244 -22.72 -21.79 32.63
CA GLN A 244 -23.74 -22.30 31.70
C GLN A 244 -25.15 -22.26 32.29
N SER A 245 -25.31 -21.67 33.47
CA SER A 245 -26.63 -21.45 34.06
C SER A 245 -27.22 -20.10 33.70
N VAL A 246 -26.48 -19.25 32.99
CA VAL A 246 -26.99 -17.96 32.56
C VAL A 246 -26.79 -17.84 31.05
N PHE A 247 -26.12 -18.82 30.46
CA PHE A 247 -25.85 -18.80 29.02
C PHE A 247 -27.13 -19.00 28.23
N ILE A 248 -27.21 -18.33 27.09
CA ILE A 248 -28.31 -18.50 26.15
C ILE A 248 -27.85 -19.49 25.09
N THR A 249 -28.40 -20.70 25.13
CA THR A 249 -28.00 -21.77 24.23
C THR A 249 -29.08 -22.01 23.18
N LYS A 250 -28.75 -22.87 22.22
CA LYS A 250 -29.69 -23.27 21.19
C LYS A 250 -29.52 -24.77 20.95
N PRO A 251 -30.61 -25.50 20.68
CA PRO A 251 -30.50 -26.93 20.49
C PRO A 251 -29.87 -27.26 19.15
N PRO A 252 -29.22 -28.42 19.03
CA PRO A 252 -28.70 -28.85 17.72
C PRO A 252 -29.83 -29.13 16.76
N ASP A 253 -29.54 -28.95 15.46
CA ASP A 253 -30.54 -29.17 14.41
C ASP A 253 -30.52 -30.64 13.97
N GLY A 254 -29.37 -31.11 13.49
CA GLY A 254 -29.23 -32.48 13.08
C GLY A 254 -29.74 -32.78 11.69
N SER A 255 -30.43 -31.85 11.04
CA SER A 255 -30.96 -32.07 9.71
C SER A 255 -30.68 -30.86 8.82
N ALA A 256 -29.60 -30.14 9.12
CA ALA A 256 -29.18 -28.99 8.34
C ALA A 256 -28.02 -29.31 7.40
N PHE A 257 -27.16 -30.27 7.78
CA PHE A 257 -26.06 -30.68 6.91
C PHE A 257 -26.47 -31.78 5.95
N THR A 258 -27.43 -32.62 6.32
CA THR A 258 -27.93 -33.65 5.41
C THR A 258 -28.68 -33.06 4.24
N ASP A 259 -29.08 -31.80 4.32
CA ASP A 259 -29.79 -31.12 3.24
C ASP A 259 -28.86 -30.24 2.41
N MET A 260 -27.60 -30.66 2.25
CA MET A 260 -26.66 -29.96 1.37
C MET A 260 -26.75 -30.54 -0.04
N PHE A 261 -27.88 -30.25 -0.69
CA PHE A 261 -28.14 -30.75 -2.03
C PHE A 261 -27.26 -30.08 -3.06
N LYS A 262 -26.65 -30.88 -3.92
CA LYS A 262 -25.83 -30.39 -5.03
C LYS A 262 -26.14 -31.18 -6.29
N ILE A 263 -27.41 -31.49 -6.51
CA ILE A 263 -27.81 -32.36 -7.62
C ILE A 263 -28.75 -31.59 -8.54
N LEU A 264 -29.22 -30.44 -8.08
CA LEU A 264 -30.13 -29.61 -8.87
C LEU A 264 -29.51 -29.20 -10.20
N PHE A 307 -39.19 -29.63 -3.83
CA PHE A 307 -38.27 -28.52 -3.63
C PHE A 307 -38.37 -27.99 -2.20
N THR A 308 -37.34 -28.27 -1.41
CA THR A 308 -37.32 -27.84 -0.02
C THR A 308 -37.11 -26.33 0.07
N GLU A 309 -37.53 -25.76 1.19
CA GLU A 309 -37.43 -24.33 1.45
C GLU A 309 -36.75 -24.10 2.79
N GLU A 310 -36.12 -22.92 2.90
CA GLU A 310 -35.37 -22.47 4.08
C GLU A 310 -34.05 -23.21 4.20
N LYS A 311 -33.80 -24.16 3.30
CA LYS A 311 -32.48 -24.79 3.20
C LYS A 311 -31.72 -24.28 1.99
N VAL A 312 -32.43 -23.79 0.97
CA VAL A 312 -31.78 -23.29 -0.24
C VAL A 312 -30.93 -22.06 0.03
N GLU A 313 -31.47 -21.04 0.69
CA GLU A 313 -30.68 -19.86 1.01
C GLU A 313 -29.63 -20.12 2.07
N ASP A 314 -29.75 -21.21 2.82
CA ASP A 314 -28.66 -21.66 3.68
C ASP A 314 -27.53 -22.31 2.88
N VAL A 315 -27.87 -23.04 1.82
CA VAL A 315 -26.86 -23.53 0.88
C VAL A 315 -26.31 -22.42 -0.01
N LYS A 316 -27.15 -21.53 -0.50
CA LYS A 316 -26.71 -20.41 -1.32
C LYS A 316 -25.78 -19.46 -0.59
N ALA A 317 -26.06 -19.16 0.67
CA ALA A 317 -25.21 -18.30 1.47
C ALA A 317 -23.94 -18.99 1.95
N LEU A 318 -23.86 -20.32 1.80
CA LEU A 318 -22.66 -21.06 2.15
C LEU A 318 -21.65 -21.11 1.01
N VAL A 319 -22.10 -21.28 -0.23
CA VAL A 319 -21.23 -21.21 -1.40
C VAL A 319 -20.86 -19.78 -1.75
N LYS A 320 -21.68 -18.79 -1.38
CA LYS A 320 -21.40 -17.39 -1.69
C LYS A 320 -20.19 -16.87 -0.91
N ILE A 321 -19.91 -17.44 0.27
CA ILE A 321 -18.81 -16.97 1.10
C ILE A 321 -17.53 -17.77 0.90
N VAL A 322 -17.58 -18.87 0.15
CA VAL A 322 -16.39 -19.68 -0.13
C VAL A 322 -15.34 -18.86 -0.87
N PRO A 323 -15.68 -18.11 -1.93
CA PRO A 323 -14.64 -17.27 -2.55
C PRO A 323 -14.03 -16.25 -1.62
N VAL A 324 -14.81 -15.70 -0.69
CA VAL A 324 -14.27 -14.74 0.27
C VAL A 324 -13.24 -15.42 1.18
N PHE A 325 -13.56 -16.62 1.66
CA PHE A 325 -12.62 -17.36 2.48
C PHE A 325 -11.36 -17.74 1.71
N LEU A 326 -11.53 -18.13 0.44
CA LEU A 326 -10.38 -18.52 -0.38
C LEU A 326 -9.45 -17.35 -0.62
N ALA A 327 -10.02 -16.16 -0.84
CA ALA A 327 -9.19 -14.97 -1.07
C ALA A 327 -8.39 -14.57 0.16
N LEU A 328 -8.77 -15.06 1.33
CA LEU A 328 -8.05 -14.75 2.56
C LEU A 328 -6.82 -15.62 2.78
N ILE A 329 -6.63 -16.64 1.96
CA ILE A 329 -5.51 -17.58 2.10
C ILE A 329 -4.17 -16.87 1.96
N PRO A 330 -3.94 -16.05 0.92
CA PRO A 330 -2.66 -15.32 0.87
C PRO A 330 -2.47 -14.39 2.04
N TYR A 331 -3.55 -13.79 2.55
CA TYR A 331 -3.43 -12.95 3.74
C TYR A 331 -2.97 -13.75 4.93
N TRP A 332 -3.52 -14.95 5.13
CA TRP A 332 -3.08 -15.81 6.21
C TRP A 332 -1.63 -16.24 6.01
N THR A 333 -1.24 -16.53 4.78
CA THR A 333 0.15 -16.87 4.49
C THR A 333 1.09 -15.77 4.94
N VAL A 334 0.82 -14.53 4.50
CA VAL A 334 1.68 -13.41 4.85
C VAL A 334 1.66 -13.17 6.36
N TYR A 335 0.48 -13.31 6.98
CA TYR A 335 0.32 -13.07 8.41
C TYR A 335 1.17 -14.03 9.23
N PHE A 336 1.02 -15.34 8.98
CA PHE A 336 1.80 -16.33 9.70
C PHE A 336 3.28 -16.25 9.40
N GLN A 337 3.65 -15.96 8.15
CA GLN A 337 5.07 -15.81 7.84
C GLN A 337 5.68 -14.61 8.55
N MET A 338 4.95 -13.49 8.65
CA MET A 338 5.45 -12.36 9.41
C MET A 338 5.60 -12.70 10.88
N GLN A 339 4.63 -13.40 11.46
CA GLN A 339 4.79 -13.82 12.86
C GLN A 339 6.03 -14.70 13.03
N THR A 340 6.26 -15.61 12.09
CA THR A 340 7.42 -16.48 12.17
C THR A 340 8.72 -15.69 12.05
N THR A 341 8.79 -14.72 11.14
CA THR A 341 10.07 -14.11 10.80
C THR A 341 10.37 -12.88 11.65
N TYR A 342 9.34 -12.26 12.22
CA TYR A 342 9.57 -11.08 13.05
C TYR A 342 10.34 -11.44 14.32
N VAL A 343 9.99 -12.57 14.95
CA VAL A 343 10.72 -13.02 16.12
C VAL A 343 12.14 -13.38 15.75
N LEU A 344 12.34 -14.02 14.59
CA LEU A 344 13.68 -14.37 14.14
C LEU A 344 14.53 -13.13 13.91
N GLN A 345 13.95 -12.10 13.32
CA GLN A 345 14.67 -10.83 13.13
C GLN A 345 14.94 -10.16 14.47
N SER A 346 13.99 -10.20 15.40
CA SER A 346 14.19 -9.66 16.73
C SER A 346 15.29 -10.37 17.50
N LEU A 347 15.52 -11.65 17.20
CA LEU A 347 16.60 -12.39 17.83
C LEU A 347 17.98 -11.85 17.47
N HIS A 348 18.08 -11.13 16.35
CA HIS A 348 19.35 -10.58 15.88
C HIS A 348 19.42 -9.06 16.06
N LEU A 349 18.72 -8.52 17.04
CA LEU A 349 18.82 -7.13 17.42
C LEU A 349 19.29 -7.03 18.87
N ARG A 350 19.83 -5.88 19.24
CA ARG A 350 20.30 -5.68 20.60
C ARG A 350 19.14 -5.62 21.57
N ILE A 351 19.06 -6.60 22.45
CA ILE A 351 17.98 -6.73 23.43
C ILE A 351 18.54 -6.38 24.80
N PRO A 352 18.00 -5.38 25.50
CA PRO A 352 18.51 -5.04 26.82
C PRO A 352 18.24 -6.16 27.82
N GLU A 353 19.12 -6.27 28.81
CA GLU A 353 19.01 -7.27 29.85
C GLU A 353 18.34 -6.68 31.08
N ILE A 354 17.32 -7.37 31.60
CA ILE A 354 16.56 -6.87 32.73
C ILE A 354 17.20 -7.35 34.02
N SER A 355 18.21 -6.62 34.50
CA SER A 355 18.94 -6.90 35.73
C SER A 355 19.14 -8.38 36.01
N ASN A 356 18.71 -8.84 37.18
CA ASN A 356 18.83 -10.23 37.58
C ASN A 356 17.58 -11.04 37.24
N ILE A 357 17.13 -10.95 35.99
CA ILE A 357 15.99 -11.74 35.53
C ILE A 357 16.43 -12.54 34.30
N THR A 358 17.42 -12.02 33.59
CA THR A 358 17.94 -12.69 32.41
C THR A 358 19.42 -13.00 32.50
N THR A 359 20.12 -12.52 33.53
CA THR A 359 21.54 -12.81 33.71
C THR A 359 21.72 -14.13 34.44
N THR A 360 22.94 -14.39 34.91
CA THR A 360 23.27 -15.63 35.59
C THR A 360 22.35 -15.86 36.79
N PRO A 361 21.76 -17.04 36.94
CA PRO A 361 21.92 -18.16 36.00
C PRO A 361 20.71 -18.35 35.09
N HIS A 362 19.82 -17.36 35.01
CA HIS A 362 18.61 -17.46 34.21
C HIS A 362 18.90 -16.97 32.79
N THR A 363 17.86 -16.88 31.96
CA THR A 363 18.02 -16.42 30.58
C THR A 363 16.70 -15.85 30.10
N LEU A 364 16.76 -15.04 29.06
CA LEU A 364 15.55 -14.43 28.51
C LEU A 364 14.78 -15.46 27.69
N PRO A 365 13.54 -15.79 28.06
CA PRO A 365 12.78 -16.74 27.25
C PRO A 365 12.53 -16.21 25.85
N ALA A 366 12.62 -17.10 24.87
CA ALA A 366 12.35 -16.72 23.49
C ALA A 366 10.92 -16.26 23.30
N ALA A 367 9.97 -16.87 24.00
CA ALA A 367 8.56 -16.49 23.89
C ALA A 367 8.32 -15.04 24.28
N TRP A 368 9.22 -14.44 25.06
CA TRP A 368 9.07 -13.03 25.41
C TRP A 368 9.18 -12.14 24.19
N LEU A 369 9.89 -12.58 23.14
CA LEU A 369 9.93 -11.82 21.91
C LEU A 369 8.72 -12.11 21.02
N THR A 370 7.95 -13.14 21.33
CA THR A 370 6.74 -13.46 20.59
C THR A 370 5.55 -12.59 21.00
N MET A 371 5.53 -12.09 22.24
CA MET A 371 4.39 -11.36 22.79
C MET A 371 4.45 -9.87 22.48
N PHE A 372 5.23 -9.48 21.47
CA PHE A 372 5.28 -8.07 21.09
C PHE A 372 4.00 -7.63 20.38
N ASP A 373 3.43 -8.51 19.55
CA ASP A 373 2.16 -8.20 18.92
C ASP A 373 1.05 -8.00 19.94
N ALA A 374 0.99 -8.88 20.93
CA ALA A 374 -0.15 -8.88 21.86
C ALA A 374 -0.14 -7.65 22.76
N VAL A 375 1.05 -7.24 23.22
CA VAL A 375 1.13 -6.10 24.13
C VAL A 375 0.53 -4.85 23.49
N LEU A 376 0.98 -4.53 22.28
CA LEU A 376 0.42 -3.39 21.57
C LEU A 376 -1.07 -3.55 21.33
N ILE A 377 -1.55 -4.80 21.25
CA ILE A 377 -2.97 -5.05 21.12
C ILE A 377 -3.72 -4.70 22.41
N LEU A 378 -3.13 -4.96 23.58
CA LEU A 378 -3.83 -4.63 24.83
C LEU A 378 -4.07 -3.14 24.97
N LEU A 379 -3.31 -2.32 24.26
CA LEU A 379 -3.51 -0.88 24.31
C LEU A 379 -4.32 -0.37 23.12
N LEU A 380 -4.21 -1.03 21.97
CA LEU A 380 -4.89 -0.57 20.77
C LEU A 380 -6.39 -0.86 20.82
N ILE A 381 -6.78 -2.05 21.27
CA ILE A 381 -8.19 -2.45 21.30
C ILE A 381 -9.03 -1.52 22.18
N PRO A 382 -8.60 -1.16 23.40
CA PRO A 382 -9.42 -0.21 24.17
C PRO A 382 -9.66 1.11 23.45
N LEU A 383 -8.59 1.75 22.95
CA LEU A 383 -8.78 2.96 22.16
C LEU A 383 -9.68 2.71 20.96
N LYS A 384 -9.41 1.65 20.20
CA LYS A 384 -10.25 1.27 19.08
C LYS A 384 -11.69 1.00 19.50
N ASP A 385 -11.93 0.62 20.75
CA ASP A 385 -13.29 0.45 21.24
C ASP A 385 -13.88 1.70 21.84
N LYS A 386 -13.06 2.68 22.22
CA LYS A 386 -13.56 3.90 22.84
C LYS A 386 -13.46 5.12 21.95
N LEU A 387 -12.52 5.15 21.02
CA LEU A 387 -12.33 6.33 20.18
C LEU A 387 -12.57 6.02 18.70
N VAL A 388 -11.88 5.00 18.18
CA VAL A 388 -11.90 4.76 16.74
C VAL A 388 -13.30 4.34 16.29
N ASP A 389 -13.90 3.38 16.99
CA ASP A 389 -15.22 2.88 16.61
C ASP A 389 -16.30 3.96 16.71
N PRO A 390 -16.40 4.73 17.81
CA PRO A 390 -17.42 5.80 17.84
C PRO A 390 -17.22 6.84 16.75
N ILE A 391 -15.98 7.23 16.47
CA ILE A 391 -15.74 8.24 15.43
C ILE A 391 -16.11 7.69 14.06
N LEU A 392 -15.72 6.45 13.78
CA LEU A 392 -16.04 5.86 12.48
C LEU A 392 -17.54 5.70 12.30
N ARG A 393 -18.24 5.30 13.37
CA ARG A 393 -19.69 5.16 13.28
C ARG A 393 -20.39 6.49 13.13
N ARG A 394 -19.89 7.53 13.81
CA ARG A 394 -20.49 8.86 13.73
C ARG A 394 -20.43 9.44 12.33
N HIS A 395 -19.32 9.24 11.62
CA HIS A 395 -19.14 9.76 10.27
C HIS A 395 -19.52 8.74 9.20
N GLY A 396 -20.05 7.59 9.60
CA GLY A 396 -20.46 6.57 8.66
C GLY A 396 -19.31 6.02 7.83
N LEU A 397 -18.18 5.76 8.48
CA LEU A 397 -16.98 5.28 7.82
C LEU A 397 -16.75 3.82 8.16
N LEU A 398 -16.45 3.01 7.15
CA LEU A 398 -16.18 1.58 7.31
C LEU A 398 -17.32 0.85 8.02
N PRO A 399 -18.52 0.82 7.43
CA PRO A 399 -19.62 0.10 8.09
C PRO A 399 -19.48 -1.41 8.01
N SER A 400 -19.05 -1.93 6.87
CA SER A 400 -18.94 -3.38 6.68
C SER A 400 -17.59 -3.88 7.16
N SER A 401 -17.57 -5.15 7.55
CA SER A 401 -16.34 -5.78 8.04
C SER A 401 -15.36 -6.10 6.93
N LEU A 402 -15.85 -6.35 5.71
CA LEU A 402 -14.95 -6.67 4.61
C LEU A 402 -14.02 -5.51 4.26
N LYS A 403 -14.50 -4.27 4.42
CA LYS A 403 -13.63 -3.11 4.24
C LYS A 403 -12.63 -2.96 5.37
N ARG A 404 -13.01 -3.30 6.60
CA ARG A 404 -12.05 -3.31 7.70
C ARG A 404 -10.97 -4.35 7.45
N ILE A 405 -11.33 -5.51 6.88
CA ILE A 405 -10.32 -6.49 6.51
C ILE A 405 -9.36 -5.93 5.46
N ALA A 406 -9.87 -5.20 4.47
CA ALA A 406 -9.00 -4.59 3.46
C ALA A 406 -8.06 -3.55 4.08
N VAL A 407 -8.58 -2.74 5.00
CA VAL A 407 -7.72 -1.78 5.70
C VAL A 407 -6.63 -2.50 6.50
N GLY A 408 -6.98 -3.58 7.19
CA GLY A 408 -5.98 -4.39 7.87
C GLY A 408 -4.95 -4.98 6.94
N MET A 409 -5.38 -5.43 5.77
CA MET A 409 -4.44 -5.97 4.78
C MET A 409 -3.48 -4.89 4.27
N PHE A 410 -3.99 -3.69 4.05
CA PHE A 410 -3.12 -2.58 3.66
C PHE A 410 -2.10 -2.26 4.75
N PHE A 411 -2.54 -2.22 6.01
CA PHE A 411 -1.59 -2.01 7.10
C PHE A 411 -0.61 -3.16 7.24
N VAL A 412 -1.01 -4.39 6.93
CA VAL A 412 -0.10 -5.52 6.88
C VAL A 412 0.98 -5.29 5.83
N MET A 413 0.59 -4.83 4.64
CA MET A 413 1.57 -4.54 3.61
C MET A 413 2.52 -3.43 4.06
N CYS A 414 2.00 -2.40 4.70
CA CYS A 414 2.86 -1.33 5.21
C CYS A 414 3.84 -1.85 6.25
N SER A 415 3.37 -2.70 7.17
CA SER A 415 4.23 -3.31 8.18
C SER A 415 5.30 -4.20 7.59
N ALA A 416 4.98 -4.99 6.55
CA ALA A 416 5.98 -5.77 5.85
C ALA A 416 7.02 -4.93 5.15
N PHE A 417 6.61 -3.84 4.49
CA PHE A 417 7.56 -2.92 3.89
C PHE A 417 8.47 -2.26 4.92
N ALA A 418 7.92 -1.84 6.07
CA ALA A 418 8.75 -1.28 7.13
C ALA A 418 9.73 -2.31 7.68
N ALA A 419 9.29 -3.55 7.85
CA ALA A 419 10.18 -4.60 8.32
C ALA A 419 11.32 -4.84 7.32
N GLY A 420 11.00 -4.85 6.03
CA GLY A 420 12.03 -4.96 5.02
C GLY A 420 13.01 -3.81 5.02
N ILE A 421 12.52 -2.58 5.18
CA ILE A 421 13.40 -1.42 5.30
C ILE A 421 14.32 -1.54 6.49
N LEU A 422 13.80 -1.93 7.65
CA LEU A 422 14.65 -2.12 8.83
C LEU A 422 15.66 -3.24 8.66
N GLU A 423 15.27 -4.35 8.05
CA GLU A 423 16.20 -5.45 7.76
C GLU A 423 17.29 -5.05 6.78
N SER A 424 17.00 -4.20 5.81
CA SER A 424 18.02 -3.71 4.90
C SER A 424 19.12 -2.94 5.63
N LYS A 425 18.76 -2.09 6.59
CA LYS A 425 19.72 -1.42 7.44
C LYS A 425 20.44 -2.36 8.39
N ARG A 426 19.72 -3.33 8.97
CA ARG A 426 20.33 -4.28 9.90
C ARG A 426 21.36 -5.18 9.23
N LEU A 427 21.11 -5.61 7.99
CA LEU A 427 22.06 -6.45 7.28
C LEU A 427 23.33 -5.72 6.92
N ASN A 428 23.28 -4.40 6.77
CA ASN A 428 24.48 -3.61 6.50
C ASN A 428 25.30 -3.32 7.74
N LEU A 429 24.76 -3.63 8.94
CA LEU A 429 25.48 -3.39 10.18
C LEU A 429 26.18 -4.64 10.71
N VAL A 430 25.81 -5.83 10.25
CA VAL A 430 26.42 -7.07 10.70
C VAL A 430 27.67 -7.33 9.89
N LYS A 431 27.94 -6.49 8.90
CA LYS A 431 29.16 -6.57 8.11
C LYS A 431 30.35 -5.89 8.78
N GLU A 432 30.09 -4.87 9.60
CA GLU A 432 31.19 -4.19 10.29
C GLU A 432 31.48 -4.86 11.63
N LYS A 433 30.48 -4.97 12.49
CA LYS A 433 30.66 -5.59 13.79
C LYS A 433 29.35 -6.22 14.25
N THR A 434 29.48 -7.29 15.04
CA THR A 434 28.36 -7.99 15.63
C THR A 434 28.62 -8.18 17.12
N ILE A 435 27.55 -8.46 17.86
CA ILE A 435 27.63 -8.67 19.30
C ILE A 435 26.90 -9.97 19.64
N ASN A 436 27.51 -10.79 20.49
CA ASN A 436 26.90 -12.05 20.88
C ASN A 436 25.95 -11.84 22.06
N GLN A 437 24.75 -12.42 21.94
CA GLN A 437 23.78 -12.34 23.02
C GLN A 437 23.14 -13.70 23.20
N THR A 438 22.77 -14.01 24.45
CA THR A 438 22.20 -15.30 24.79
C THR A 438 20.72 -15.13 25.14
N ILE A 439 19.86 -15.87 24.45
CA ILE A 439 18.41 -15.83 24.70
C ILE A 439 17.90 -17.18 25.19
N GLY A 440 17.96 -18.20 24.34
CA GLY A 440 17.45 -19.50 24.71
C GLY A 440 18.57 -20.48 24.98
N ASN A 441 19.60 -20.01 25.69
CA ASN A 441 20.86 -20.74 25.85
C ASN A 441 21.49 -20.99 24.48
N VAL A 442 21.23 -20.08 23.56
CA VAL A 442 21.77 -20.12 22.20
C VAL A 442 22.35 -18.75 21.89
N VAL A 443 23.60 -18.73 21.42
CA VAL A 443 24.29 -17.48 21.12
C VAL A 443 23.82 -16.97 19.77
N TYR A 444 23.45 -15.70 19.71
CA TYR A 444 22.99 -15.04 18.50
C TYR A 444 23.91 -13.86 18.22
N HIS A 445 24.35 -13.73 16.97
CA HIS A 445 25.22 -12.63 16.56
C HIS A 445 24.36 -11.48 16.08
N ALA A 446 23.88 -10.68 17.03
CA ALA A 446 23.01 -9.55 16.74
C ALA A 446 23.85 -8.37 16.25
N ALA A 447 23.16 -7.36 15.73
CA ALA A 447 23.79 -6.12 15.29
C ALA A 447 23.70 -5.07 16.40
N ASP A 448 24.52 -4.03 16.26
CA ASP A 448 24.50 -2.95 17.23
C ASP A 448 23.34 -2.00 16.92
N LEU A 449 22.14 -2.54 16.88
CA LEU A 449 20.92 -1.76 16.60
C LEU A 449 19.89 -2.11 17.66
N SER A 450 19.33 -1.10 18.31
CA SER A 450 18.40 -1.32 19.40
C SER A 450 17.17 -2.07 18.92
N LEU A 451 16.66 -2.96 19.79
CA LEU A 451 15.46 -3.70 19.47
C LEU A 451 14.25 -2.80 19.26
N TRP A 452 14.25 -1.63 19.89
CA TRP A 452 13.11 -0.71 19.83
C TRP A 452 12.97 -0.02 18.47
N TRP A 453 13.93 -0.20 17.57
CA TRP A 453 13.78 0.25 16.19
C TRP A 453 12.79 -0.60 15.41
N GLN A 454 12.43 -1.77 15.92
CA GLN A 454 11.43 -2.64 15.32
C GLN A 454 10.01 -2.27 15.77
N VAL A 455 9.88 -1.29 16.65
CA VAL A 455 8.56 -0.88 17.13
C VAL A 455 7.64 -0.42 16.01
N PRO A 456 8.07 0.38 15.04
CA PRO A 456 7.11 0.84 14.01
C PRO A 456 6.40 -0.27 13.26
N GLN A 457 7.12 -1.33 12.87
CA GLN A 457 6.48 -2.43 12.17
C GLN A 457 5.52 -3.21 13.06
N TYR A 458 5.86 -3.39 14.34
CA TYR A 458 4.95 -4.02 15.28
C TYR A 458 3.70 -3.20 15.52
N LEU A 459 3.84 -1.87 15.61
CA LEU A 459 2.67 -1.01 15.75
C LEU A 459 1.79 -1.07 14.50
N LEU A 460 2.40 -1.09 13.32
CA LEU A 460 1.62 -1.23 12.09
C LEU A 460 0.89 -2.57 12.03
N ILE A 461 1.57 -3.67 12.38
CA ILE A 461 0.91 -4.97 12.37
C ILE A 461 -0.16 -5.08 13.45
N GLY A 462 0.03 -4.41 14.59
CA GLY A 462 -1.03 -4.37 15.60
C GLY A 462 -2.23 -3.58 15.16
N ILE A 463 -2.02 -2.45 14.49
CA ILE A 463 -3.12 -1.71 13.88
C ILE A 463 -3.84 -2.56 12.84
N SER A 464 -3.11 -3.32 12.05
CA SER A 464 -3.71 -4.25 11.10
C SER A 464 -4.52 -5.34 11.77
N GLU A 465 -4.02 -5.92 12.87
CA GLU A 465 -4.72 -7.02 13.52
C GLU A 465 -6.00 -6.57 14.22
N ILE A 466 -5.99 -5.39 14.84
CA ILE A 466 -7.23 -4.88 15.44
C ILE A 466 -8.26 -4.51 14.40
N PHE A 467 -7.86 -4.42 13.13
CA PHE A 467 -8.78 -4.21 12.03
C PHE A 467 -9.14 -5.51 11.32
N ALA A 468 -8.13 -6.26 10.87
CA ALA A 468 -8.38 -7.42 10.04
C ALA A 468 -8.84 -8.64 10.83
N SER A 469 -8.18 -8.92 11.97
CA SER A 469 -8.49 -10.14 12.71
C SER A 469 -9.89 -10.10 13.31
N ILE A 470 -10.27 -8.97 13.91
CA ILE A 470 -11.59 -8.85 14.51
C ILE A 470 -12.67 -8.85 13.44
N ALA A 471 -12.45 -8.11 12.35
CA ALA A 471 -13.42 -8.07 11.27
C ALA A 471 -13.60 -9.42 10.59
N GLY A 472 -12.53 -10.20 10.44
CA GLY A 472 -12.69 -11.55 9.91
C GLY A 472 -13.53 -12.45 10.76
N LEU A 473 -13.32 -12.44 12.09
CA LEU A 473 -14.16 -13.21 12.99
C LEU A 473 -15.61 -12.76 12.94
N GLU A 474 -15.85 -11.45 12.97
CA GLU A 474 -17.23 -10.97 12.92
C GLU A 474 -17.90 -11.23 11.58
N PHE A 475 -17.15 -11.23 10.48
CA PHE A 475 -17.71 -11.61 9.19
C PHE A 475 -18.04 -13.09 9.13
N ALA A 476 -17.14 -13.95 9.64
CA ALA A 476 -17.45 -15.37 9.69
C ALA A 476 -18.66 -15.64 10.57
N TYR A 477 -18.86 -14.82 11.60
CA TYR A 477 -20.06 -14.92 12.43
C TYR A 477 -21.32 -14.48 11.69
N SER A 478 -21.30 -13.31 11.04
CA SER A 478 -22.51 -12.72 10.48
C SER A 478 -22.85 -13.26 9.10
N ALA A 479 -21.94 -13.95 8.43
CA ALA A 479 -22.21 -14.48 7.11
C ALA A 479 -22.72 -15.91 7.15
N ALA A 480 -22.43 -16.63 8.24
CA ALA A 480 -22.84 -18.01 8.36
C ALA A 480 -24.36 -18.11 8.53
N PRO A 481 -24.97 -19.17 8.03
CA PRO A 481 -26.38 -19.42 8.32
C PRO A 481 -26.60 -19.71 9.80
N LYS A 482 -27.81 -19.44 10.25
CA LYS A 482 -28.13 -19.64 11.67
C LYS A 482 -27.99 -21.11 12.05
N SER A 483 -28.45 -22.02 11.19
CA SER A 483 -28.36 -23.44 11.50
C SER A 483 -26.95 -23.99 11.34
N MET A 484 -26.15 -23.41 10.43
CA MET A 484 -24.77 -23.85 10.18
C MET A 484 -23.87 -22.69 10.60
N GLN A 485 -23.52 -22.68 11.88
CA GLN A 485 -22.89 -21.52 12.49
C GLN A 485 -21.50 -21.81 13.04
N SER A 486 -21.34 -22.93 13.76
CA SER A 486 -20.02 -23.30 14.26
C SER A 486 -19.13 -23.90 13.19
N ALA A 487 -19.71 -24.65 12.26
CA ALA A 487 -18.91 -25.27 11.20
C ALA A 487 -18.30 -24.21 10.29
N ILE A 488 -19.09 -23.21 9.89
CA ILE A 488 -18.56 -22.14 9.04
C ILE A 488 -17.45 -21.40 9.74
N MET A 489 -17.63 -21.09 11.04
CA MET A 489 -16.52 -20.53 11.81
C MET A 489 -15.35 -21.49 11.91
N GLY A 490 -15.63 -22.79 12.02
CA GLY A 490 -14.58 -23.77 12.01
C GLY A 490 -13.85 -23.79 10.67
N LEU A 491 -14.63 -23.79 9.58
CA LEU A 491 -14.04 -23.74 8.25
C LEU A 491 -13.13 -22.54 8.09
N PHE A 492 -13.56 -21.38 8.61
CA PHE A 492 -12.69 -20.21 8.63
C PHE A 492 -11.36 -20.54 9.29
N PHE A 493 -11.41 -21.08 10.51
CA PHE A 493 -10.18 -21.48 11.20
C PHE A 493 -9.43 -22.57 10.45
N PHE A 494 -10.12 -23.35 9.62
CA PHE A 494 -9.42 -24.30 8.77
C PHE A 494 -8.63 -23.58 7.69
N PHE A 495 -9.26 -22.60 7.02
CA PHE A 495 -8.59 -21.91 5.93
C PHE A 495 -7.39 -21.11 6.40
N SER A 496 -7.48 -20.49 7.59
CA SER A 496 -6.29 -19.91 8.20
C SER A 496 -5.16 -20.91 8.28
N GLY A 497 -5.46 -22.14 8.74
CA GLY A 497 -4.46 -23.19 8.74
C GLY A 497 -3.93 -23.49 7.35
N VAL A 498 -4.80 -23.47 6.35
CA VAL A 498 -4.35 -23.65 4.97
C VAL A 498 -3.36 -22.55 4.61
N GLY A 499 -3.61 -21.32 5.08
CA GLY A 499 -2.64 -20.27 4.87
C GLY A 499 -1.36 -20.42 5.66
N SER A 500 -1.40 -21.14 6.79
CA SER A 500 -0.20 -21.34 7.58
C SER A 500 0.77 -22.30 6.91
N PHE A 501 0.26 -23.36 6.28
CA PHE A 501 1.12 -24.33 5.62
C PHE A 501 1.54 -23.92 4.22
N VAL A 502 0.75 -23.10 3.54
CA VAL A 502 1.19 -22.53 2.27
C VAL A 502 2.38 -21.59 2.51
N GLY A 503 2.34 -20.81 3.59
CA GLY A 503 3.47 -19.97 3.93
C GLY A 503 4.74 -20.74 4.20
N SER A 504 4.64 -21.84 4.98
CA SER A 504 5.79 -22.69 5.20
C SER A 504 6.31 -23.31 3.92
N GLY A 505 5.43 -23.57 2.94
CA GLY A 505 5.90 -23.97 1.64
C GLY A 505 6.53 -22.85 0.86
N LEU A 506 6.09 -21.61 1.10
CA LEU A 506 6.73 -20.45 0.50
C LEU A 506 8.13 -20.22 1.04
N LEU A 507 8.35 -20.45 2.34
CA LEU A 507 9.66 -20.36 2.93
C LEU A 507 10.61 -21.42 2.42
N ALA A 508 10.11 -22.60 2.07
CA ALA A 508 10.92 -23.66 1.48
C ALA A 508 11.08 -23.50 -0.02
N LEU A 509 10.34 -22.57 -0.64
CA LEU A 509 10.50 -22.27 -2.05
C LEU A 509 11.58 -21.24 -2.33
N VAL A 510 11.72 -20.23 -1.47
CA VAL A 510 12.80 -19.26 -1.60
C VAL A 510 14.12 -19.79 -1.05
N SER A 511 14.10 -20.92 -0.33
CA SER A 511 15.30 -21.48 0.26
C SER A 511 16.03 -22.45 -0.66
N ILE A 512 15.48 -22.73 -1.85
CA ILE A 512 16.15 -23.62 -2.79
C ILE A 512 17.44 -22.99 -3.25
N LYS A 513 18.33 -23.80 -3.84
CA LYS A 513 19.64 -23.30 -4.25
C LYS A 513 19.51 -22.18 -5.29
N ALA A 514 18.44 -22.19 -6.09
CA ALA A 514 18.26 -21.18 -7.11
C ALA A 514 18.06 -19.79 -6.53
N ILE A 515 17.51 -19.68 -5.32
CA ILE A 515 17.23 -18.41 -4.69
C ILE A 515 17.93 -18.36 -3.34
N GLY A 516 18.73 -17.32 -3.13
CA GLY A 516 19.54 -17.23 -1.93
C GLY A 516 18.79 -16.70 -0.72
N TRP A 517 17.50 -16.44 -0.87
CA TRP A 517 16.72 -15.84 0.20
C TRP A 517 16.45 -16.86 1.31
N MET A 518 16.97 -16.59 2.52
CA MET A 518 16.71 -17.40 3.71
C MET A 518 17.11 -18.85 3.46
N SER A 519 18.41 -19.03 3.26
CA SER A 519 18.98 -20.35 2.95
C SER A 519 19.80 -20.93 4.11
N SER A 520 19.81 -20.27 5.27
CA SER A 520 20.61 -20.74 6.40
C SER A 520 19.75 -21.58 7.35
N HIS A 521 19.30 -22.71 6.83
CA HIS A 521 18.66 -23.78 7.61
C HIS A 521 17.34 -23.27 8.21
N THR A 522 16.98 -23.79 9.38
CA THR A 522 15.66 -23.58 9.96
C THR A 522 15.64 -22.33 10.84
N ASP A 523 14.56 -22.18 11.61
CA ASP A 523 14.39 -21.02 12.47
C ASP A 523 15.35 -21.07 13.65
N PHE A 524 15.47 -19.93 14.33
CA PHE A 524 16.29 -19.78 15.53
C PHE A 524 17.75 -20.15 15.24
N GLY A 525 18.20 -19.79 14.04
CA GLY A 525 19.56 -20.10 13.63
C GLY A 525 20.42 -18.86 13.46
N ASN A 526 20.65 -18.46 12.21
CA ASN A 526 21.46 -17.28 11.92
C ASN A 526 21.06 -16.70 10.57
N ILE A 527 20.61 -15.44 10.58
CA ILE A 527 20.10 -14.81 9.37
C ILE A 527 21.06 -13.73 8.87
N ASN A 528 22.28 -13.68 9.39
CA ASN A 528 23.27 -12.73 8.91
C ASN A 528 23.74 -13.05 7.49
N GLY A 529 23.49 -14.27 7.00
CA GLY A 529 23.78 -14.61 5.63
C GLY A 529 22.52 -14.79 4.82
N CYS A 530 21.37 -14.53 5.46
CA CYS A 530 20.08 -14.64 4.81
C CYS A 530 19.63 -13.28 4.29
N TYR A 531 18.91 -13.30 3.17
CA TYR A 531 18.37 -12.08 2.59
C TYR A 531 16.91 -11.92 3.03
N LEU A 532 16.74 -11.65 4.32
CA LEU A 532 15.41 -11.55 4.90
C LEU A 532 14.66 -10.32 4.40
N ASN A 533 15.39 -9.26 4.04
CA ASN A 533 14.73 -8.07 3.51
C ASN A 533 14.04 -8.35 2.18
N TYR A 534 14.66 -9.14 1.31
CA TYR A 534 14.00 -9.54 0.07
C TYR A 534 12.76 -10.38 0.34
N TYR A 535 12.81 -11.27 1.33
CA TYR A 535 11.64 -12.04 1.70
C TYR A 535 10.51 -11.15 2.21
N PHE A 536 10.84 -10.15 3.03
CA PHE A 536 9.84 -9.19 3.48
C PHE A 536 9.24 -8.39 2.34
N PHE A 537 10.05 -7.96 1.38
CA PHE A 537 9.53 -7.25 0.22
C PHE A 537 8.62 -8.13 -0.62
N LEU A 538 8.99 -9.40 -0.82
CA LEU A 538 8.12 -10.35 -1.50
C LEU A 538 6.80 -10.55 -0.76
N LEU A 539 6.84 -10.67 0.56
CA LEU A 539 5.61 -10.77 1.34
C LEU A 539 4.75 -9.53 1.18
N ALA A 540 5.36 -8.35 1.17
CA ALA A 540 4.60 -7.12 0.97
C ALA A 540 3.95 -7.08 -0.42
N ALA A 541 4.68 -7.51 -1.45
CA ALA A 541 4.11 -7.53 -2.80
C ALA A 541 2.94 -8.50 -2.88
N ILE A 542 3.10 -9.70 -2.31
CA ILE A 542 2.01 -10.67 -2.27
C ILE A 542 0.81 -10.10 -1.52
N GLN A 543 1.05 -9.40 -0.41
CA GLN A 543 -0.03 -8.80 0.35
C GLN A 543 -0.76 -7.73 -0.45
N GLY A 544 -0.02 -6.92 -1.21
CA GLY A 544 -0.69 -5.93 -2.05
C GLY A 544 -1.55 -6.56 -3.13
N ALA A 545 -1.02 -7.59 -3.81
CA ALA A 545 -1.79 -8.26 -4.83
C ALA A 545 -3.05 -8.90 -4.26
N THR A 546 -2.92 -9.60 -3.13
CA THR A 546 -4.10 -10.23 -2.54
C THR A 546 -5.04 -9.18 -1.95
N LEU A 547 -4.53 -8.01 -1.58
CA LEU A 547 -5.40 -6.92 -1.14
C LEU A 547 -6.27 -6.44 -2.30
N LEU A 548 -5.68 -6.27 -3.48
CA LEU A 548 -6.49 -5.90 -4.63
C LEU A 548 -7.52 -6.98 -4.97
N LEU A 549 -7.10 -8.24 -4.95
CA LEU A 549 -8.03 -9.33 -5.25
C LEU A 549 -9.17 -9.39 -4.22
N PHE A 550 -8.82 -9.21 -2.94
CA PHE A 550 -9.83 -9.24 -1.89
C PHE A 550 -10.79 -8.06 -1.99
N LEU A 551 -10.28 -6.89 -2.40
CA LEU A 551 -11.17 -5.76 -2.63
C LEU A 551 -12.17 -6.06 -3.73
N ILE A 552 -11.69 -6.66 -4.83
CA ILE A 552 -12.61 -7.01 -5.91
C ILE A 552 -13.66 -8.00 -5.44
N ILE A 553 -13.24 -9.06 -4.75
CA ILE A 553 -14.19 -10.08 -4.28
C ILE A 553 -15.15 -9.53 -3.24
N SER A 554 -14.69 -8.71 -2.31
CA SER A 554 -15.56 -8.08 -1.33
C SER A 554 -16.58 -7.16 -1.96
N VAL A 555 -16.19 -6.39 -2.99
CA VAL A 555 -17.19 -5.59 -3.70
C VAL A 555 -18.21 -6.47 -4.39
N LYS A 556 -17.78 -7.52 -5.07
CA LYS A 556 -18.70 -8.43 -5.75
C LYS A 556 -19.60 -9.19 -4.78
N TYR A 557 -19.18 -9.35 -3.53
CA TYR A 557 -20.00 -9.95 -2.49
C TYR A 557 -20.99 -8.97 -1.88
N ASP A 558 -20.52 -7.77 -1.54
CA ASP A 558 -21.37 -6.74 -0.94
C ASP A 558 -22.46 -6.30 -1.90
N HIS A 559 -22.15 -6.17 -3.19
CA HIS A 559 -23.16 -5.74 -4.15
C HIS A 559 -24.33 -6.71 -4.19
N HIS A 560 -24.04 -8.01 -4.15
CA HIS A 560 -25.11 -9.00 -4.18
C HIS A 560 -25.83 -9.06 -2.84
N ARG A 561 -25.09 -8.97 -1.73
CA ARG A 561 -25.71 -9.13 -0.41
C ARG A 561 -26.63 -7.97 -0.09
N ASP A 562 -26.17 -6.73 -0.28
CA ASP A 562 -26.94 -5.57 0.15
C ASP A 562 -28.18 -5.38 -0.73
N HIS A 563 -28.03 -5.57 -2.04
CA HIS A 563 -29.12 -5.26 -2.96
C HIS A 563 -29.96 -6.49 -3.31
N GLN A 564 -29.32 -7.52 -3.88
CA GLN A 564 -30.07 -8.68 -4.35
C GLN A 564 -30.67 -9.46 -3.19
N ARG A 565 -29.92 -9.62 -2.11
CA ARG A 565 -30.41 -10.36 -0.95
C ARG A 565 -31.25 -9.46 -0.05
N ALA B 31 -21.12 8.38 -33.03
CA ALA B 31 -20.16 9.26 -33.68
C ALA B 31 -20.83 10.57 -34.11
N GLY B 32 -20.48 11.04 -35.31
CA GLY B 32 -21.02 12.27 -35.81
C GLY B 32 -20.18 13.48 -35.45
N ARG B 33 -19.68 13.50 -34.20
CA ARG B 33 -18.82 14.57 -33.71
C ARG B 33 -17.37 14.11 -33.62
N ARG B 34 -16.92 13.27 -34.54
CA ARG B 34 -15.55 12.79 -34.54
C ARG B 34 -14.55 13.87 -34.93
N ALA B 35 -14.94 14.79 -35.81
CA ALA B 35 -14.07 15.90 -36.19
C ALA B 35 -13.83 16.89 -35.07
N ALA B 36 -14.87 17.20 -34.29
CA ALA B 36 -14.74 18.11 -33.17
C ALA B 36 -13.85 17.57 -32.06
N CYS B 37 -13.70 16.25 -31.97
CA CYS B 37 -12.77 15.63 -31.02
C CYS B 37 -11.35 15.55 -31.58
N GLY B 38 -11.21 15.22 -32.85
CA GLY B 38 -9.88 15.18 -33.46
C GLY B 38 -9.23 16.55 -33.53
N ALA B 39 -10.01 17.59 -33.83
CA ALA B 39 -9.47 18.94 -33.88
C ALA B 39 -8.97 19.43 -32.54
N VAL B 40 -9.55 18.95 -31.44
CA VAL B 40 -9.04 19.27 -30.11
C VAL B 40 -7.87 18.38 -29.71
N LEU B 41 -7.91 17.09 -30.04
CA LEU B 41 -6.81 16.19 -29.73
C LEU B 41 -5.52 16.60 -30.44
N LEU B 42 -5.61 16.96 -31.73
CA LEU B 42 -4.41 17.38 -32.45
C LEU B 42 -3.88 18.69 -31.90
N THR B 43 -4.77 19.62 -31.54
CA THR B 43 -4.33 20.86 -30.92
C THR B 43 -3.60 20.62 -29.61
N GLU B 44 -4.14 19.74 -28.77
CA GLU B 44 -3.48 19.38 -27.52
C GLU B 44 -2.14 18.70 -27.77
N LEU B 45 -2.07 17.82 -28.77
CA LEU B 45 -0.81 17.16 -29.09
C LEU B 45 0.25 18.16 -29.48
N LEU B 46 -0.10 19.12 -30.35
CA LEU B 46 0.87 20.11 -30.79
C LEU B 46 1.26 21.04 -29.64
N GLU B 47 0.29 21.41 -28.80
CA GLU B 47 0.59 22.23 -27.63
C GLU B 47 1.54 21.52 -26.68
N ARG B 48 1.33 20.23 -26.45
CA ARG B 48 2.21 19.49 -25.54
C ARG B 48 3.60 19.33 -26.15
N ALA B 49 3.67 19.06 -27.45
CA ALA B 49 4.97 18.99 -28.10
C ALA B 49 5.73 20.31 -27.98
N ALA B 50 5.05 21.43 -28.20
CA ALA B 50 5.68 22.74 -28.02
C ALA B 50 6.10 22.97 -26.58
N PHE B 51 5.29 22.54 -25.60
CA PHE B 51 5.63 22.76 -24.20
C PHE B 51 6.86 21.97 -23.79
N TYR B 52 6.90 20.67 -24.12
CA TYR B 52 8.10 19.88 -23.83
C TYR B 52 9.27 20.22 -24.75
N GLY B 53 9.05 20.99 -25.81
CA GLY B 53 10.18 21.45 -26.61
C GLY B 53 10.94 22.58 -25.95
N ILE B 54 10.41 23.12 -24.87
CA ILE B 54 11.05 24.22 -24.14
C ILE B 54 11.69 23.75 -22.85
N THR B 55 10.91 23.09 -21.98
CA THR B 55 11.39 22.69 -20.67
C THR B 55 12.43 21.58 -20.72
N SER B 56 12.59 20.92 -21.86
CA SER B 56 13.54 19.81 -21.98
C SER B 56 14.99 20.28 -22.06
N ASN B 57 15.26 21.43 -22.69
CA ASN B 57 16.62 21.91 -22.86
C ASN B 57 16.74 23.41 -22.59
N LEU B 58 15.81 23.99 -21.85
CA LEU B 58 15.90 25.41 -21.53
C LEU B 58 17.10 25.72 -20.65
N VAL B 59 17.36 24.88 -19.65
CA VAL B 59 18.51 25.09 -18.77
C VAL B 59 19.84 24.99 -19.51
N LEU B 60 20.01 23.98 -20.36
CA LEU B 60 21.23 23.84 -21.14
C LEU B 60 21.40 24.95 -22.17
N PHE B 61 20.30 25.49 -22.70
CA PHE B 61 20.38 26.57 -23.67
C PHE B 61 20.83 27.87 -23.00
N LEU B 62 20.34 28.14 -21.79
CA LEU B 62 20.76 29.34 -21.08
C LEU B 62 22.19 29.26 -20.60
N ASN B 63 22.78 28.07 -20.54
CA ASN B 63 24.18 27.90 -20.17
C ASN B 63 25.01 27.71 -21.44
N GLY B 64 25.26 28.83 -22.12
CA GLY B 64 26.06 28.80 -23.33
C GLY B 64 25.61 29.79 -24.39
N ALA B 65 26.54 30.18 -25.26
CA ALA B 65 26.34 31.15 -26.34
C ALA B 65 25.74 32.44 -25.75
N PRO B 66 24.55 32.92 -26.12
CA PRO B 66 24.24 34.34 -25.84
C PRO B 66 24.05 34.67 -24.38
N PHE B 67 23.75 33.70 -23.53
CA PHE B 67 23.43 33.95 -22.13
C PHE B 67 24.63 33.72 -21.22
N CYS B 68 25.19 32.50 -21.26
CA CYS B 68 26.29 32.09 -20.39
C CYS B 68 25.93 32.31 -18.92
N TRP B 69 24.68 31.99 -18.60
CA TRP B 69 24.16 32.12 -17.25
C TRP B 69 24.77 31.06 -16.34
N GLU B 70 24.73 31.34 -15.04
CA GLU B 70 25.16 30.38 -14.04
C GLU B 70 24.05 29.35 -13.81
N GLY B 71 24.42 28.21 -13.23
CA GLY B 71 23.45 27.14 -13.04
C GLY B 71 22.29 27.55 -12.15
N ALA B 72 22.57 28.34 -11.11
CA ALA B 72 21.52 28.74 -10.18
C ALA B 72 20.44 29.55 -10.89
N GLN B 73 20.83 30.60 -11.61
CA GLN B 73 19.87 31.43 -12.32
C GLN B 73 19.20 30.71 -13.49
N ALA B 74 19.93 29.84 -14.18
CA ALA B 74 19.32 29.04 -15.24
C ALA B 74 18.22 28.15 -14.68
N SER B 75 18.48 27.51 -13.54
CA SER B 75 17.44 26.71 -12.89
C SER B 75 16.31 27.56 -12.34
N GLU B 76 16.60 28.76 -11.85
CA GLU B 76 15.54 29.66 -11.39
C GLU B 76 14.62 30.05 -12.53
N ALA B 77 15.17 30.22 -13.74
CA ALA B 77 14.35 30.58 -14.89
C ALA B 77 13.30 29.51 -15.16
N LEU B 78 13.69 28.23 -15.10
CA LEU B 78 12.71 27.15 -15.25
C LEU B 78 11.71 27.16 -14.11
N LEU B 79 12.16 27.44 -12.89
CA LEU B 79 11.25 27.51 -11.76
C LEU B 79 10.23 28.63 -11.94
N LEU B 80 10.68 29.79 -12.43
CA LEU B 80 9.76 30.89 -12.70
C LEU B 80 8.79 30.52 -13.81
N PHE B 81 9.27 29.81 -14.83
CA PHE B 81 8.39 29.38 -15.92
C PHE B 81 7.31 28.46 -15.40
N MET B 82 7.68 27.50 -14.55
CA MET B 82 6.68 26.62 -13.92
C MET B 82 5.72 27.42 -13.06
N GLY B 83 6.22 28.42 -12.34
CA GLY B 83 5.35 29.24 -11.50
C GLY B 83 4.32 29.99 -12.31
N LEU B 84 4.72 30.55 -13.45
CA LEU B 84 3.74 31.19 -14.33
C LEU B 84 2.79 30.17 -14.94
N THR B 85 3.30 28.97 -15.26
CA THR B 85 2.43 27.95 -15.85
C THR B 85 1.33 27.53 -14.89
N TYR B 86 1.64 27.41 -13.61
CA TYR B 86 0.65 26.94 -12.63
C TYR B 86 -0.18 28.07 -12.03
N LEU B 87 0.46 29.17 -11.64
CA LEU B 87 -0.25 30.24 -10.95
C LEU B 87 -1.30 30.92 -11.81
N GLY B 88 -0.99 31.17 -13.08
CA GLY B 88 -1.89 31.88 -13.96
C GLY B 88 -3.03 31.09 -14.53
N SER B 89 -3.09 29.78 -14.24
CA SER B 89 -4.16 28.95 -14.80
C SER B 89 -5.55 29.35 -14.30
N PRO B 90 -5.79 29.59 -13.00
CA PRO B 90 -7.12 30.04 -12.59
C PRO B 90 -7.57 31.33 -13.25
N PHE B 91 -6.66 32.28 -13.45
CA PHE B 91 -7.03 33.51 -14.14
C PHE B 91 -7.33 33.27 -15.60
N GLY B 92 -6.59 32.37 -16.25
CA GLY B 92 -6.93 31.98 -17.61
C GLY B 92 -8.30 31.34 -17.71
N GLY B 93 -8.66 30.54 -16.70
CA GLY B 93 -10.01 30.00 -16.65
C GLY B 93 -11.09 31.02 -16.37
N TRP B 94 -10.79 32.03 -15.54
CA TRP B 94 -11.75 33.10 -15.30
C TRP B 94 -11.96 33.95 -16.54
N LEU B 95 -10.90 34.14 -17.35
CA LEU B 95 -11.07 34.81 -18.63
C LEU B 95 -12.05 34.07 -19.53
N ALA B 96 -11.97 32.75 -19.56
CA ALA B 96 -12.79 31.95 -20.46
C ALA B 96 -14.25 31.86 -20.01
N ASP B 97 -14.56 32.24 -18.77
CA ASP B 97 -15.91 32.14 -18.25
C ASP B 97 -16.58 33.49 -18.07
N ALA B 98 -15.83 34.51 -17.65
CA ALA B 98 -16.41 35.81 -17.35
C ALA B 98 -16.35 36.79 -18.51
N ARG B 99 -15.28 36.74 -19.32
CA ARG B 99 -15.14 37.72 -20.40
C ARG B 99 -15.22 37.06 -21.76
N LEU B 100 -14.38 36.05 -22.01
CA LEU B 100 -14.31 35.44 -23.32
C LEU B 100 -15.17 34.18 -23.36
N GLY B 101 -15.36 33.65 -24.56
CA GLY B 101 -16.21 32.50 -24.76
C GLY B 101 -15.47 31.18 -24.79
N ARG B 102 -14.43 31.05 -23.97
CA ARG B 102 -13.63 29.83 -23.87
C ARG B 102 -12.95 29.49 -25.18
N ALA B 103 -13.75 29.21 -26.22
CA ALA B 103 -13.17 28.94 -27.54
C ALA B 103 -12.36 30.11 -28.05
N ARG B 104 -12.87 31.32 -27.88
CA ARG B 104 -12.12 32.53 -28.18
C ARG B 104 -10.93 32.72 -27.24
N ALA B 105 -11.07 32.35 -25.97
CA ALA B 105 -9.98 32.42 -25.01
C ALA B 105 -8.82 31.51 -25.39
N ILE B 106 -9.10 30.30 -25.87
CA ILE B 106 -8.04 29.41 -26.33
C ILE B 106 -7.27 30.01 -27.51
N LEU B 107 -7.97 30.59 -28.49
CA LEU B 107 -7.31 31.24 -29.60
C LEU B 107 -6.48 32.44 -29.17
N LEU B 108 -7.03 33.27 -28.27
CA LEU B 108 -6.29 34.42 -27.78
C LEU B 108 -5.04 34.01 -27.02
N SER B 109 -5.12 32.96 -26.19
CA SER B 109 -3.97 32.43 -25.49
C SER B 109 -2.95 31.79 -26.44
N LEU B 110 -3.41 31.07 -27.45
CA LEU B 110 -2.51 30.48 -28.44
C LEU B 110 -1.77 31.52 -29.24
N ALA B 111 -2.42 32.65 -29.54
CA ALA B 111 -1.72 33.74 -30.22
C ALA B 111 -0.57 34.30 -29.39
N LEU B 112 -0.82 34.56 -28.10
CA LEU B 112 0.25 35.03 -27.22
C LEU B 112 1.33 33.96 -27.05
N TYR B 113 0.92 32.69 -27.00
CA TYR B 113 1.87 31.59 -26.88
C TYR B 113 2.80 31.56 -28.09
N LEU B 114 2.23 31.70 -29.29
CA LEU B 114 3.02 31.74 -30.51
C LEU B 114 3.92 32.97 -30.56
N LEU B 115 3.42 34.12 -30.12
CA LEU B 115 4.23 35.33 -30.14
C LEU B 115 5.43 35.19 -29.21
N GLY B 116 5.25 34.51 -28.08
CA GLY B 116 6.34 34.28 -27.15
C GLY B 116 7.27 33.15 -27.52
N MET B 117 6.89 32.28 -28.45
CA MET B 117 7.76 31.21 -28.90
C MET B 117 8.85 31.68 -29.86
N LEU B 118 8.57 32.67 -30.71
CA LEU B 118 9.54 33.12 -31.72
C LEU B 118 10.82 33.66 -31.10
N ALA B 119 10.77 34.10 -29.85
CA ALA B 119 11.94 34.69 -29.20
C ALA B 119 13.11 33.74 -29.10
N PHE B 120 12.89 32.47 -28.79
CA PHE B 120 13.99 31.52 -28.66
C PHE B 120 14.68 31.26 -30.00
N PRO B 121 13.95 30.95 -31.09
CA PRO B 121 14.63 30.85 -32.38
C PRO B 121 15.30 32.14 -32.82
N LEU B 122 14.69 33.30 -32.52
CA LEU B 122 15.34 34.55 -32.87
C LEU B 122 16.64 34.75 -32.10
N LEU B 123 16.65 34.34 -30.83
CA LEU B 123 17.86 34.46 -30.02
C LEU B 123 18.94 33.49 -30.47
N ALA B 124 18.56 32.28 -30.85
CA ALA B 124 19.54 31.28 -31.27
C ALA B 124 20.15 31.59 -32.63
N ALA B 125 19.46 32.35 -33.47
CA ALA B 125 19.97 32.66 -34.80
C ALA B 125 20.96 33.81 -34.74
N PRO B 126 22.16 33.64 -35.27
CA PRO B 126 23.14 34.75 -35.28
C PRO B 126 22.65 35.98 -36.02
N ALA B 127 21.81 35.81 -37.04
CA ALA B 127 21.33 36.95 -37.81
C ALA B 127 20.47 37.88 -36.96
N THR B 128 19.67 37.32 -36.05
CA THR B 128 18.72 38.11 -35.28
C THR B 128 19.12 38.30 -33.82
N ARG B 129 20.18 37.64 -33.36
CA ARG B 129 20.63 37.81 -31.98
C ARG B 129 21.01 39.26 -31.72
N ALA B 130 21.69 39.88 -32.68
CA ALA B 130 22.02 41.30 -32.56
C ALA B 130 20.76 42.15 -32.50
N ALA B 131 19.73 41.75 -33.26
CA ALA B 131 18.47 42.47 -33.22
C ALA B 131 17.83 42.40 -31.85
N LEU B 132 17.91 41.25 -31.19
CA LEU B 132 17.27 41.09 -29.88
C LEU B 132 17.87 42.03 -28.84
N CYS B 133 19.14 41.86 -28.50
CA CYS B 133 19.79 42.84 -27.62
C CYS B 133 21.22 43.06 -28.10
N GLY B 134 21.56 44.30 -28.42
CA GLY B 134 22.95 44.69 -28.59
C GLY B 134 23.72 43.79 -29.54
N SER B 135 24.87 43.30 -29.07
CA SER B 135 25.66 42.33 -29.84
C SER B 135 26.50 41.53 -28.84
N ALA B 136 26.18 40.25 -28.68
CA ALA B 136 26.87 39.37 -27.76
C ALA B 136 27.57 38.26 -28.53
N ARG B 137 28.84 38.03 -28.20
CA ARG B 137 29.65 37.02 -28.87
C ARG B 137 30.46 36.25 -27.83
N LEU B 138 29.81 35.85 -26.75
CA LEU B 138 30.47 35.06 -25.69
C LEU B 138 30.54 33.60 -26.13
N LEU B 139 31.52 33.32 -26.99
CA LEU B 139 31.65 32.00 -27.57
C LEU B 139 32.02 30.95 -26.53
N ASN B 140 32.88 31.31 -25.58
CA ASN B 140 33.35 30.37 -24.56
C ASN B 140 32.92 30.76 -23.15
N CYS B 141 32.05 31.76 -23.03
CA CYS B 141 31.56 32.24 -21.73
C CYS B 141 32.72 32.62 -20.81
N THR B 142 33.69 33.34 -21.37
CA THR B 142 34.86 33.75 -20.60
C THR B 142 34.47 34.74 -19.50
N ALA B 143 33.48 35.58 -19.76
CA ALA B 143 33.03 36.57 -18.78
C ALA B 143 31.61 37.03 -19.09
N ALA B 150 23.69 39.93 -13.98
CA ALA B 150 24.56 39.61 -15.11
C ALA B 150 23.86 38.70 -16.11
N ARG B 151 22.96 39.27 -16.90
CA ARG B 151 22.19 38.53 -17.89
C ARG B 151 22.23 39.26 -19.22
N CYS B 152 22.37 38.50 -20.31
CA CYS B 152 22.34 39.07 -21.65
C CYS B 152 21.02 38.70 -22.34
N CYS B 153 20.42 39.71 -22.98
CA CYS B 153 19.03 39.60 -23.48
C CYS B 153 18.09 39.10 -22.39
N SER B 154 18.29 39.61 -21.18
CA SER B 154 17.37 39.29 -20.09
C SER B 154 15.95 39.74 -20.38
N PRO B 155 15.69 40.99 -20.87
CA PRO B 155 14.30 41.38 -21.11
C PRO B 155 13.64 40.50 -22.17
N ALA B 156 14.38 40.19 -23.24
CA ALA B 156 13.81 39.40 -24.32
C ALA B 156 13.46 37.98 -23.86
N THR B 157 14.41 37.29 -23.23
CA THR B 157 14.16 35.94 -22.78
C THR B 157 13.12 35.87 -21.67
N PHE B 158 13.10 36.87 -20.76
CA PHE B 158 12.08 36.88 -19.72
C PHE B 158 10.69 37.16 -20.26
N ALA B 159 10.55 38.06 -21.24
CA ALA B 159 9.25 38.24 -21.88
C ALA B 159 8.83 36.99 -22.64
N GLY B 160 9.76 36.36 -23.36
CA GLY B 160 9.43 35.11 -24.03
C GLY B 160 8.96 34.05 -23.07
N LEU B 161 9.63 33.92 -21.92
CA LEU B 161 9.20 32.99 -20.90
C LEU B 161 7.84 33.34 -20.30
N VAL B 162 7.60 34.62 -20.01
CA VAL B 162 6.36 35.02 -19.35
C VAL B 162 5.15 34.79 -20.26
N LEU B 163 5.23 35.24 -21.51
CA LEU B 163 4.11 35.05 -22.43
C LEU B 163 3.86 33.58 -22.70
N VAL B 164 4.93 32.79 -22.86
CA VAL B 164 4.76 31.36 -23.10
C VAL B 164 4.11 30.69 -21.89
N GLY B 165 4.57 31.03 -20.68
CA GLY B 165 3.98 30.44 -19.49
C GLY B 165 2.53 30.81 -19.31
N LEU B 166 2.18 32.09 -19.54
CA LEU B 166 0.80 32.52 -19.46
C LEU B 166 -0.07 31.84 -20.51
N GLY B 167 0.44 31.68 -21.74
CA GLY B 167 -0.30 30.95 -22.75
C GLY B 167 -0.54 29.50 -22.38
N VAL B 168 0.48 28.83 -21.84
CA VAL B 168 0.28 27.45 -21.39
C VAL B 168 -0.74 27.39 -20.26
N ALA B 169 -0.66 28.30 -19.30
CA ALA B 169 -1.60 28.32 -18.19
C ALA B 169 -3.04 28.54 -18.67
N THR B 170 -3.24 29.44 -19.62
CA THR B 170 -4.57 29.69 -20.15
C THR B 170 -5.07 28.56 -21.03
N VAL B 171 -4.19 27.90 -21.79
CA VAL B 171 -4.62 26.79 -22.63
C VAL B 171 -5.02 25.60 -21.79
N LYS B 172 -4.21 25.23 -20.79
CA LYS B 172 -4.50 24.02 -20.01
C LYS B 172 -5.84 24.14 -19.29
N ALA B 173 -6.14 25.32 -18.74
CA ALA B 173 -7.39 25.50 -18.01
C ALA B 173 -8.61 25.47 -18.91
N ASN B 174 -8.46 25.75 -20.20
CA ASN B 174 -9.60 25.91 -21.10
C ASN B 174 -9.69 24.84 -22.17
N ILE B 175 -8.65 24.02 -22.35
CA ILE B 175 -8.65 23.05 -23.44
C ILE B 175 -9.29 21.75 -22.99
N THR B 176 -9.21 21.45 -21.69
CA THR B 176 -9.78 20.21 -21.20
C THR B 176 -11.31 20.29 -21.07
N PRO B 177 -11.89 21.35 -20.47
CA PRO B 177 -13.35 21.40 -20.44
C PRO B 177 -13.95 21.64 -21.80
N PHE B 178 -13.33 22.46 -22.64
CA PHE B 178 -13.82 22.67 -24.00
C PHE B 178 -13.76 21.38 -24.80
N GLY B 179 -12.67 20.63 -24.66
CA GLY B 179 -12.58 19.35 -25.33
C GLY B 179 -13.62 18.35 -24.85
N ALA B 180 -13.86 18.31 -23.54
CA ALA B 180 -14.85 17.39 -23.01
C ALA B 180 -16.29 17.81 -23.31
N ASP B 181 -16.51 19.09 -23.62
CA ASP B 181 -17.86 19.55 -23.92
C ASP B 181 -18.39 18.97 -25.22
N GLN B 182 -17.50 18.56 -26.13
CA GLN B 182 -17.94 18.03 -27.42
C GLN B 182 -18.71 16.73 -27.26
N VAL B 183 -18.40 15.95 -26.23
CA VAL B 183 -19.09 14.67 -26.01
C VAL B 183 -19.76 14.68 -24.64
N LYS B 184 -20.06 15.86 -24.12
CA LYS B 184 -20.73 15.97 -22.83
C LYS B 184 -22.17 15.49 -22.85
N ASP B 185 -22.85 15.57 -23.99
CA ASP B 185 -24.27 15.24 -24.09
C ASP B 185 -24.47 13.75 -24.39
N ARG B 186 -23.48 12.93 -24.08
CA ARG B 186 -23.64 11.49 -24.21
C ARG B 186 -23.47 10.74 -22.89
N GLY B 187 -23.20 11.41 -21.78
CA GLY B 187 -23.05 10.76 -20.50
C GLY B 187 -21.62 10.78 -20.01
N PRO B 188 -21.44 10.50 -18.71
CA PRO B 188 -20.07 10.49 -18.16
C PRO B 188 -19.15 9.47 -18.81
N GLU B 189 -19.70 8.36 -19.31
CA GLU B 189 -18.86 7.35 -19.95
C GLU B 189 -18.18 7.89 -21.20
N ALA B 190 -18.89 8.67 -22.00
CA ALA B 190 -18.30 9.31 -23.17
C ALA B 190 -17.22 10.32 -22.80
N THR B 191 -17.46 11.09 -21.73
CA THR B 191 -16.45 12.03 -21.27
C THR B 191 -15.19 11.32 -20.80
N ARG B 192 -15.35 10.22 -20.05
CA ARG B 192 -14.19 9.45 -19.62
C ARG B 192 -13.45 8.83 -20.79
N ARG B 193 -14.17 8.29 -21.76
CA ARG B 193 -13.55 7.75 -22.96
C ARG B 193 -12.80 8.81 -23.75
N PHE B 194 -13.34 10.03 -23.83
CA PHE B 194 -12.62 11.11 -24.48
C PHE B 194 -11.37 11.51 -23.71
N PHE B 195 -11.45 11.60 -22.38
CA PHE B 195 -10.30 11.93 -21.57
C PHE B 195 -9.19 10.89 -21.66
N ASN B 196 -9.54 9.62 -21.84
CA ASN B 196 -8.53 8.59 -22.07
C ASN B 196 -7.64 8.94 -23.26
N TRP B 197 -8.25 9.23 -24.41
CA TRP B 197 -7.48 9.58 -25.59
C TRP B 197 -6.89 10.98 -25.50
N PHE B 198 -7.49 11.86 -24.70
CA PHE B 198 -6.88 13.17 -24.46
C PHE B 198 -5.54 13.02 -23.77
N TYR B 199 -5.48 12.23 -22.70
CA TYR B 199 -4.21 11.93 -22.05
C TYR B 199 -3.27 11.14 -22.96
N TRP B 200 -3.82 10.26 -23.79
CA TRP B 200 -2.99 9.53 -24.76
C TRP B 200 -2.30 10.50 -25.71
N SER B 201 -3.04 11.51 -26.21
CA SER B 201 -2.45 12.50 -27.10
C SER B 201 -1.45 13.39 -26.36
N ILE B 202 -1.74 13.75 -25.11
CA ILE B 202 -0.77 14.50 -24.31
C ILE B 202 0.54 13.72 -24.22
N ASN B 203 0.49 12.43 -23.95
CA ASN B 203 1.69 11.63 -23.86
C ASN B 203 2.39 11.42 -25.19
N LEU B 204 1.62 11.23 -26.27
CA LEU B 204 2.22 11.07 -27.59
C LEU B 204 2.95 12.33 -28.04
N GLY B 205 2.37 13.50 -27.81
CA GLY B 205 3.08 14.74 -28.10
C GLY B 205 4.34 14.90 -27.27
N ALA B 206 4.27 14.51 -25.99
CA ALA B 206 5.46 14.58 -25.14
C ALA B 206 6.56 13.66 -25.66
N ILE B 207 6.20 12.47 -26.15
CA ILE B 207 7.20 11.57 -26.70
C ILE B 207 7.76 12.12 -28.01
N LEU B 208 6.90 12.68 -28.87
CA LEU B 208 7.37 13.23 -30.12
C LEU B 208 8.30 14.42 -29.92
N SER B 209 8.08 15.19 -28.84
CA SER B 209 8.95 16.33 -28.55
C SER B 209 10.24 15.92 -27.84
N LEU B 210 10.10 15.16 -26.74
CA LEU B 210 11.26 14.76 -25.96
C LEU B 210 12.18 13.84 -26.76
N GLY B 211 11.61 13.03 -27.64
CA GLY B 211 12.41 12.12 -28.43
C GLY B 211 12.98 12.75 -29.69
N GLY B 212 12.14 13.46 -30.43
CA GLY B 212 12.56 14.07 -31.67
C GLY B 212 13.17 15.46 -31.53
N ILE B 213 12.43 16.38 -30.93
CA ILE B 213 12.88 17.76 -30.86
C ILE B 213 14.10 17.90 -29.95
N ALA B 214 14.05 17.26 -28.77
CA ALA B 214 15.15 17.38 -27.82
C ALA B 214 16.45 16.78 -28.36
N TYR B 215 16.36 15.75 -29.20
CA TYR B 215 17.56 15.23 -29.84
C TYR B 215 18.13 16.25 -30.82
N ILE B 216 17.27 16.97 -31.53
CA ILE B 216 17.72 17.97 -32.47
C ILE B 216 18.37 19.15 -31.75
N GLN B 217 17.78 19.60 -30.64
CA GLN B 217 18.36 20.72 -29.91
C GLN B 217 19.71 20.39 -29.29
N GLN B 218 19.97 19.11 -29.00
CA GLN B 218 21.18 18.74 -28.27
C GLN B 218 22.36 18.44 -29.17
N ASN B 219 22.15 17.81 -30.32
CA ASN B 219 23.25 17.29 -31.13
C ASN B 219 23.44 18.07 -32.44
N VAL B 220 22.35 18.46 -33.10
CA VAL B 220 22.46 19.11 -34.40
C VAL B 220 22.03 20.57 -34.28
N SER B 221 22.00 21.28 -35.40
CA SER B 221 21.68 22.71 -35.43
C SER B 221 20.55 23.06 -34.47
N PHE B 222 20.78 24.09 -33.66
CA PHE B 222 19.92 24.37 -32.52
C PHE B 222 18.81 25.35 -32.88
N VAL B 223 19.06 26.20 -33.89
CA VAL B 223 18.06 27.16 -34.34
C VAL B 223 16.81 26.44 -34.81
N THR B 224 16.98 25.38 -35.62
CA THR B 224 15.84 24.56 -35.98
C THR B 224 15.29 23.83 -34.75
N GLY B 225 16.15 23.56 -33.77
CA GLY B 225 15.72 22.93 -32.54
C GLY B 225 14.64 23.71 -31.82
N TYR B 226 14.77 25.04 -31.77
CA TYR B 226 13.65 25.84 -31.28
C TYR B 226 12.68 26.30 -32.37
N ALA B 227 13.03 26.15 -33.64
CA ALA B 227 12.09 26.50 -34.70
C ALA B 227 10.95 25.50 -34.83
N ILE B 228 11.22 24.23 -34.58
CA ILE B 228 10.19 23.19 -34.69
C ILE B 228 9.05 23.44 -33.71
N PRO B 229 9.31 23.74 -32.42
CA PRO B 229 8.17 24.03 -31.52
C PRO B 229 7.34 25.23 -31.95
N THR B 230 7.98 26.26 -32.51
CA THR B 230 7.21 27.40 -33.01
C THR B 230 6.30 27.01 -34.17
N VAL B 231 6.81 26.18 -35.07
CA VAL B 231 5.98 25.63 -36.13
C VAL B 231 4.83 24.80 -35.57
N CYS B 232 5.09 24.04 -34.49
CA CYS B 232 4.02 23.28 -33.85
C CYS B 232 2.95 24.19 -33.27
N VAL B 233 3.34 25.29 -32.63
CA VAL B 233 2.35 26.24 -32.11
C VAL B 233 1.54 26.86 -33.24
N GLY B 234 2.22 27.28 -34.32
CA GLY B 234 1.51 27.84 -35.45
C GLY B 234 0.55 26.86 -36.09
N LEU B 235 0.94 25.59 -36.18
CA LEU B 235 0.05 24.56 -36.68
C LEU B 235 -1.13 24.31 -35.76
N ALA B 236 -0.92 24.30 -34.44
CA ALA B 236 -2.02 24.16 -33.50
C ALA B 236 -3.02 25.30 -33.59
N PHE B 237 -2.53 26.54 -33.72
CA PHE B 237 -3.44 27.67 -33.91
C PHE B 237 -4.28 27.52 -35.16
N VAL B 238 -3.67 27.12 -36.27
CA VAL B 238 -4.41 26.93 -37.52
C VAL B 238 -5.42 25.79 -37.38
N VAL B 239 -5.03 24.70 -36.71
CA VAL B 239 -5.95 23.58 -36.52
C VAL B 239 -7.16 24.01 -35.69
N PHE B 240 -6.93 24.75 -34.60
CA PHE B 240 -8.05 25.22 -33.80
C PHE B 240 -8.94 26.17 -34.59
N LEU B 241 -8.35 27.08 -35.37
CA LEU B 241 -9.15 27.99 -36.18
C LEU B 241 -9.99 27.24 -37.19
N CYS B 242 -9.40 26.23 -37.85
CA CYS B 242 -10.14 25.45 -38.83
C CYS B 242 -11.25 24.63 -38.18
N GLY B 243 -10.99 24.06 -37.02
CA GLY B 243 -11.98 23.27 -36.32
C GLY B 243 -13.00 24.07 -35.54
N GLN B 244 -12.85 25.39 -35.47
CA GLN B 244 -13.83 26.23 -34.80
C GLN B 244 -15.21 26.17 -35.45
N SER B 245 -15.30 25.76 -36.71
CA SER B 245 -16.56 25.71 -37.43
C SER B 245 -17.39 24.46 -37.10
N VAL B 246 -16.84 23.51 -36.37
CA VAL B 246 -17.57 22.30 -36.00
C VAL B 246 -17.65 22.19 -34.49
N PHE B 247 -16.92 23.07 -33.79
CA PHE B 247 -16.93 23.06 -32.33
C PHE B 247 -18.28 23.49 -31.78
N ILE B 248 -18.73 22.82 -30.73
CA ILE B 248 -19.92 23.22 -30.00
C ILE B 248 -19.47 24.10 -28.84
N THR B 249 -19.70 25.40 -28.97
CA THR B 249 -19.22 26.38 -28.01
C THR B 249 -20.34 26.76 -27.04
N LYS B 250 -19.99 27.57 -26.04
CA LYS B 250 -20.93 28.08 -25.07
C LYS B 250 -20.74 29.58 -24.93
N PRO B 251 -21.80 30.33 -24.60
CA PRO B 251 -21.66 31.78 -24.48
C PRO B 251 -21.05 32.16 -23.14
N PRO B 252 -20.30 33.26 -23.09
CA PRO B 252 -19.74 33.71 -21.81
C PRO B 252 -20.84 34.08 -20.82
N ASP B 253 -20.57 33.85 -19.54
CA ASP B 253 -21.47 34.20 -18.45
C ASP B 253 -20.76 35.19 -17.54
N GLY B 254 -20.89 36.48 -17.85
CA GLY B 254 -20.22 37.52 -17.11
C GLY B 254 -20.64 37.59 -15.65
N SER B 255 -21.94 37.48 -15.40
CA SER B 255 -22.48 37.56 -14.03
C SER B 255 -22.57 36.15 -13.47
N ALA B 256 -21.41 35.54 -13.26
CA ALA B 256 -21.34 34.21 -12.67
C ALA B 256 -20.42 34.22 -11.46
N PHE B 257 -19.38 35.04 -11.50
CA PHE B 257 -18.45 35.15 -10.39
C PHE B 257 -18.82 36.24 -9.41
N THR B 258 -19.54 37.28 -9.86
CA THR B 258 -20.00 38.32 -8.96
C THR B 258 -21.03 37.82 -7.97
N ASP B 259 -21.62 36.65 -8.21
CA ASP B 259 -22.59 36.05 -7.30
C ASP B 259 -21.93 35.13 -6.28
N MET B 260 -20.66 35.38 -5.97
CA MET B 260 -19.95 34.61 -4.95
C MET B 260 -20.11 35.29 -3.59
N PHE B 261 -21.35 35.26 -3.11
CA PHE B 261 -21.67 35.84 -1.81
C PHE B 261 -21.03 35.02 -0.70
N LYS B 262 -20.49 35.71 0.31
CA LYS B 262 -19.89 35.07 1.47
C LYS B 262 -20.37 35.74 2.75
N ILE B 263 -21.57 36.30 2.72
CA ILE B 263 -22.19 36.91 3.89
C ILE B 263 -23.57 36.27 4.06
N LEU B 264 -23.80 35.63 5.20
CA LEU B 264 -25.06 34.96 5.48
C LEU B 264 -25.15 34.57 6.95
N PHE B 307 -31.67 37.20 -3.35
CA PHE B 307 -31.31 35.82 -3.04
C PHE B 307 -31.23 34.98 -4.32
N THR B 308 -32.25 35.12 -5.16
CA THR B 308 -32.36 34.41 -6.46
C THR B 308 -32.25 32.91 -6.20
N GLU B 309 -31.73 32.13 -7.15
CA GLU B 309 -31.63 30.69 -7.01
C GLU B 309 -30.65 30.19 -8.07
N GLU B 310 -30.11 29.00 -7.83
CA GLU B 310 -29.19 28.29 -8.71
C GLU B 310 -27.81 28.94 -8.71
N LYS B 311 -27.67 30.07 -8.01
CA LYS B 311 -26.34 30.60 -7.73
C LYS B 311 -25.85 30.13 -6.37
N VAL B 312 -26.79 29.81 -5.47
CA VAL B 312 -26.42 29.19 -4.19
C VAL B 312 -25.81 27.82 -4.43
N GLU B 313 -26.40 27.04 -5.33
CA GLU B 313 -25.88 25.72 -5.65
C GLU B 313 -24.48 25.78 -6.25
N ASP B 314 -24.19 26.80 -7.06
CA ASP B 314 -22.85 26.97 -7.60
C ASP B 314 -21.80 27.26 -6.54
N VAL B 315 -22.21 27.79 -5.39
CA VAL B 315 -21.30 28.05 -4.29
C VAL B 315 -21.24 26.81 -3.39
N LYS B 316 -22.39 26.15 -3.23
CA LYS B 316 -22.44 24.93 -2.43
C LYS B 316 -21.59 23.83 -3.05
N ALA B 317 -21.53 23.77 -4.38
CA ALA B 317 -20.73 22.77 -5.09
C ALA B 317 -19.30 23.23 -5.32
N LEU B 318 -18.92 24.39 -4.80
CA LEU B 318 -17.56 24.88 -4.91
C LEU B 318 -16.78 24.73 -3.62
N VAL B 319 -17.38 25.09 -2.48
CA VAL B 319 -16.74 24.86 -1.19
C VAL B 319 -16.62 23.37 -0.89
N LYS B 320 -17.51 22.55 -1.46
CA LYS B 320 -17.53 21.12 -1.16
C LYS B 320 -16.44 20.35 -1.91
N ILE B 321 -15.81 20.95 -2.92
CA ILE B 321 -14.76 20.27 -3.67
C ILE B 321 -13.37 20.77 -3.31
N VAL B 322 -13.26 21.84 -2.52
CA VAL B 322 -11.97 22.38 -2.09
C VAL B 322 -11.19 21.37 -1.26
N PRO B 323 -11.77 20.70 -0.26
CA PRO B 323 -10.99 19.72 0.51
C PRO B 323 -10.42 18.60 -0.33
N VAL B 324 -11.10 18.17 -1.39
CA VAL B 324 -10.54 17.14 -2.26
C VAL B 324 -9.24 17.62 -2.91
N PHE B 325 -9.22 18.85 -3.43
CA PHE B 325 -8.01 19.39 -4.01
C PHE B 325 -6.92 19.56 -2.95
N LEU B 326 -7.32 20.01 -1.75
CA LEU B 326 -6.37 20.20 -0.67
C LEU B 326 -5.68 18.88 -0.31
N ALA B 327 -6.44 17.80 -0.26
CA ALA B 327 -5.85 16.50 0.04
C ALA B 327 -5.12 15.91 -1.15
N LEU B 328 -5.44 16.35 -2.37
CA LEU B 328 -4.66 15.98 -3.54
C LEU B 328 -3.33 16.71 -3.62
N ILE B 329 -3.19 17.81 -2.88
CA ILE B 329 -1.91 18.54 -2.88
C ILE B 329 -0.72 17.64 -2.54
N PRO B 330 -0.75 16.87 -1.45
CA PRO B 330 0.38 15.94 -1.19
C PRO B 330 0.53 14.85 -2.23
N TYR B 331 -0.55 14.43 -2.88
CA TYR B 331 -0.41 13.50 -3.98
C TYR B 331 0.42 14.10 -5.12
N TRP B 332 0.14 15.36 -5.46
CA TRP B 332 0.96 16.03 -6.47
C TRP B 332 2.39 16.23 -6.00
N THR B 333 2.57 16.55 -4.71
CA THR B 333 3.91 16.59 -4.12
C THR B 333 4.69 15.32 -4.42
N VAL B 334 4.15 14.18 -4.00
CA VAL B 334 4.84 12.90 -4.20
C VAL B 334 5.01 12.62 -5.68
N TYR B 335 3.99 12.89 -6.49
CA TYR B 335 4.06 12.63 -7.92
C TYR B 335 5.22 13.37 -8.57
N PHE B 336 5.33 14.66 -8.30
CA PHE B 336 6.36 15.47 -8.96
C PHE B 336 7.75 15.14 -8.45
N GLN B 337 7.89 14.96 -7.13
CA GLN B 337 9.21 14.61 -6.59
C GLN B 337 9.67 13.25 -7.09
N MET B 338 8.75 12.29 -7.15
CA MET B 338 9.00 10.96 -7.68
C MET B 338 9.32 10.98 -9.17
N GLN B 339 8.67 11.84 -9.95
CA GLN B 339 8.98 12.04 -11.35
C GLN B 339 10.37 12.60 -11.58
N THR B 340 10.80 13.56 -10.78
CA THR B 340 12.16 14.07 -10.89
C THR B 340 13.22 13.07 -10.43
N THR B 341 13.02 12.44 -9.26
CA THR B 341 14.03 11.55 -8.72
C THR B 341 14.18 10.27 -9.53
N TYR B 342 13.11 9.83 -10.20
CA TYR B 342 13.23 8.67 -11.07
C TYR B 342 14.21 8.93 -12.21
N VAL B 343 14.10 10.10 -12.85
CA VAL B 343 15.06 10.46 -13.89
C VAL B 343 16.45 10.62 -13.29
N LEU B 344 16.54 11.24 -12.11
CA LEU B 344 17.85 11.42 -11.47
C LEU B 344 18.54 10.09 -11.22
N GLN B 345 17.79 9.09 -10.74
CA GLN B 345 18.34 7.76 -10.54
C GLN B 345 18.61 7.04 -11.85
N SER B 346 17.78 7.24 -12.87
CA SER B 346 18.03 6.65 -14.18
C SER B 346 19.33 7.15 -14.78
N LEU B 347 19.73 8.37 -14.45
CA LEU B 347 21.02 8.87 -14.91
C LEU B 347 22.19 8.04 -14.37
N HIS B 348 22.01 7.36 -13.24
CA HIS B 348 23.07 6.60 -12.60
C HIS B 348 22.93 5.10 -12.78
N LEU B 349 22.25 4.65 -13.83
CA LEU B 349 22.18 3.25 -14.19
C LEU B 349 22.88 3.03 -15.53
N ARG B 350 23.20 1.77 -15.82
CA ARG B 350 23.88 1.44 -17.06
C ARG B 350 22.92 1.56 -18.23
N ILE B 351 23.21 2.48 -19.14
CA ILE B 351 22.36 2.78 -20.29
C ILE B 351 23.07 2.31 -21.55
N PRO B 352 22.47 1.45 -22.36
CA PRO B 352 23.13 0.98 -23.58
C PRO B 352 23.30 2.11 -24.59
N GLU B 353 24.36 2.02 -25.39
CA GLU B 353 24.63 2.98 -26.44
C GLU B 353 23.96 2.53 -27.73
N ILE B 354 23.17 3.41 -28.34
CA ILE B 354 22.37 3.05 -29.50
C ILE B 354 23.17 3.31 -30.77
N SER B 355 24.00 2.34 -31.15
CA SER B 355 24.73 2.31 -32.43
C SER B 355 25.44 3.65 -32.62
N ASN B 356 25.24 4.35 -33.74
CA ASN B 356 25.90 5.62 -34.03
C ASN B 356 24.97 6.81 -33.87
N ILE B 357 24.06 6.76 -32.89
CA ILE B 357 23.11 7.83 -32.66
C ILE B 357 23.52 8.57 -31.39
N THR B 358 24.16 7.86 -30.46
CA THR B 358 24.60 8.46 -29.21
C THR B 358 26.12 8.44 -29.05
N THR B 359 26.86 7.88 -30.00
CA THR B 359 28.32 7.86 -29.92
C THR B 359 28.89 9.12 -30.57
N THR B 360 30.19 9.12 -30.81
CA THR B 360 30.87 10.28 -31.38
C THR B 360 30.26 10.65 -32.72
N PRO B 361 29.99 11.93 -32.99
CA PRO B 361 30.23 13.02 -32.03
C PRO B 361 28.98 13.49 -31.31
N HIS B 362 27.91 12.69 -31.37
CA HIS B 362 26.65 13.05 -30.73
C HIS B 362 26.62 12.55 -29.29
N THR B 363 25.49 12.70 -28.63
CA THR B 363 25.34 12.26 -27.24
C THR B 363 23.89 11.92 -26.98
N LEU B 364 23.65 11.11 -25.96
CA LEU B 364 22.28 10.74 -25.59
C LEU B 364 21.60 11.93 -24.92
N PRO B 365 20.49 12.42 -25.46
CA PRO B 365 19.77 13.50 -24.77
C PRO B 365 19.23 13.03 -23.44
N ALA B 366 19.37 13.88 -22.42
CA ALA B 366 18.82 13.57 -21.11
C ALA B 366 17.30 13.47 -21.13
N ALA B 367 16.63 14.29 -21.93
CA ALA B 367 15.18 14.29 -22.02
C ALA B 367 14.62 12.94 -22.44
N TRP B 368 15.42 12.09 -23.10
CA TRP B 368 14.96 10.75 -23.41
C TRP B 368 14.68 9.94 -22.15
N LEU B 369 15.53 10.04 -21.13
CA LEU B 369 15.28 9.32 -19.89
C LEU B 369 14.03 9.81 -19.18
N THR B 370 13.53 10.99 -19.55
CA THR B 370 12.26 11.51 -19.05
C THR B 370 11.06 10.92 -19.77
N MET B 371 11.21 10.51 -21.03
CA MET B 371 10.08 10.07 -21.85
C MET B 371 9.80 8.59 -21.71
N PHE B 372 10.56 7.89 -20.85
CA PHE B 372 10.33 6.47 -20.67
C PHE B 372 8.99 6.19 -20.00
N ASP B 373 8.53 7.09 -19.14
CA ASP B 373 7.20 6.95 -18.55
C ASP B 373 6.12 7.08 -19.61
N ALA B 374 6.18 8.14 -20.42
CA ALA B 374 5.12 8.42 -21.37
C ALA B 374 4.95 7.28 -22.37
N VAL B 375 6.06 6.63 -22.72
CA VAL B 375 5.98 5.46 -23.62
C VAL B 375 5.08 4.40 -23.01
N LEU B 376 5.29 4.11 -21.73
CA LEU B 376 4.44 3.13 -21.04
C LEU B 376 2.99 3.58 -21.00
N ILE B 377 2.76 4.88 -21.12
CA ILE B 377 1.39 5.39 -21.16
C ILE B 377 0.75 5.17 -22.53
N LEU B 378 1.53 5.15 -23.60
CA LEU B 378 0.94 4.97 -24.93
C LEU B 378 0.40 3.57 -25.13
N LEU B 379 0.82 2.62 -24.29
CA LEU B 379 0.35 1.24 -24.40
C LEU B 379 -0.73 0.90 -23.39
N LEU B 380 -0.72 1.53 -22.23
CA LEU B 380 -1.69 1.19 -21.19
C LEU B 380 -3.07 1.77 -21.48
N ILE B 381 -3.13 2.99 -22.04
CA ILE B 381 -4.43 3.58 -22.35
C ILE B 381 -5.21 2.78 -23.37
N PRO B 382 -4.63 2.35 -24.51
CA PRO B 382 -5.39 1.47 -25.41
C PRO B 382 -5.84 0.18 -24.74
N LEU B 383 -5.02 -0.37 -23.84
CA LEU B 383 -5.44 -1.54 -23.08
C LEU B 383 -6.55 -1.19 -22.10
N LYS B 384 -6.45 -0.01 -21.46
CA LYS B 384 -7.48 0.38 -20.51
C LYS B 384 -8.79 0.72 -21.19
N ASP B 385 -8.74 1.41 -22.34
CA ASP B 385 -9.95 1.84 -23.00
C ASP B 385 -10.72 0.68 -23.63
N LYS B 386 -10.01 -0.36 -24.08
CA LYS B 386 -10.65 -1.48 -24.76
C LYS B 386 -10.89 -2.68 -23.86
N LEU B 387 -10.06 -2.88 -22.83
CA LEU B 387 -10.18 -4.06 -21.98
C LEU B 387 -10.55 -3.71 -20.55
N VAL B 388 -9.79 -2.86 -19.87
CA VAL B 388 -10.01 -2.65 -18.43
C VAL B 388 -11.34 -1.95 -18.19
N ASP B 389 -11.61 -0.87 -18.92
CA ASP B 389 -12.82 -0.09 -18.72
C ASP B 389 -14.09 -0.91 -18.96
N PRO B 390 -14.21 -1.66 -20.07
CA PRO B 390 -15.43 -2.47 -20.23
C PRO B 390 -15.62 -3.51 -19.15
N ILE B 391 -14.54 -4.18 -18.73
CA ILE B 391 -14.66 -5.20 -17.69
C ILE B 391 -15.09 -4.58 -16.36
N LEU B 392 -14.49 -3.44 -16.00
CA LEU B 392 -14.88 -2.77 -14.77
C LEU B 392 -16.33 -2.28 -14.85
N ARG B 393 -16.74 -1.79 -16.03
CA ARG B 393 -18.10 -1.28 -16.18
C ARG B 393 -19.13 -2.39 -16.07
N ARG B 394 -18.86 -3.55 -16.68
CA ARG B 394 -19.79 -4.67 -16.68
C ARG B 394 -19.70 -5.49 -15.39
N HIS B 395 -19.02 -4.98 -14.38
CA HIS B 395 -18.95 -5.67 -13.10
C HIS B 395 -19.25 -4.76 -11.92
N GLY B 396 -19.64 -3.50 -12.13
CA GLY B 396 -19.89 -2.59 -11.03
C GLY B 396 -18.65 -2.23 -10.26
N LEU B 397 -17.48 -2.30 -10.88
CA LEU B 397 -16.21 -2.04 -10.21
C LEU B 397 -15.70 -0.65 -10.57
N LEU B 398 -15.34 0.12 -9.56
CA LEU B 398 -14.77 1.46 -9.71
C LEU B 398 -15.66 2.36 -10.56
N PRO B 399 -16.87 2.68 -10.10
CA PRO B 399 -17.77 3.52 -10.91
C PRO B 399 -17.52 5.01 -10.79
N SER B 400 -16.81 5.46 -9.76
CA SER B 400 -16.59 6.88 -9.53
C SER B 400 -15.12 7.23 -9.70
N SER B 401 -14.87 8.49 -10.08
CA SER B 401 -13.50 8.93 -10.33
C SER B 401 -12.65 8.98 -9.07
N LEU B 402 -13.23 9.29 -7.91
CA LEU B 402 -12.45 9.37 -6.68
C LEU B 402 -11.86 8.02 -6.30
N LYS B 403 -12.61 6.94 -6.48
CA LYS B 403 -12.07 5.61 -6.21
C LYS B 403 -10.92 5.27 -7.15
N ARG B 404 -11.03 5.68 -8.42
CA ARG B 404 -9.92 5.48 -9.34
C ARG B 404 -8.70 6.31 -8.94
N ILE B 405 -8.91 7.52 -8.43
CA ILE B 405 -7.80 8.31 -7.92
C ILE B 405 -7.14 7.60 -6.75
N ALA B 406 -7.94 7.01 -5.86
CA ALA B 406 -7.36 6.27 -4.73
C ALA B 406 -6.58 5.05 -5.21
N VAL B 407 -7.10 4.34 -6.21
CA VAL B 407 -6.39 3.20 -6.78
C VAL B 407 -5.05 3.65 -7.37
N GLY B 408 -5.04 4.76 -8.11
CA GLY B 408 -3.79 5.29 -8.61
C GLY B 408 -2.82 5.70 -7.53
N MET B 409 -3.32 6.33 -6.46
CA MET B 409 -2.48 6.69 -5.32
C MET B 409 -1.85 5.48 -4.65
N PHE B 410 -2.57 4.36 -4.57
CA PHE B 410 -2.00 3.12 -4.06
C PHE B 410 -0.85 2.61 -4.93
N PHE B 411 -1.03 2.60 -6.26
CA PHE B 411 0.04 2.21 -7.14
C PHE B 411 1.23 3.17 -7.08
N VAL B 412 0.98 4.45 -6.78
CA VAL B 412 2.08 5.38 -6.58
C VAL B 412 2.96 4.98 -5.40
N MET B 413 2.38 4.64 -4.24
CA MET B 413 3.21 4.23 -3.12
C MET B 413 3.84 2.87 -3.36
N CYS B 414 3.18 1.99 -4.13
CA CYS B 414 3.83 0.75 -4.52
C CYS B 414 5.07 1.02 -5.37
N SER B 415 4.97 1.92 -6.34
CA SER B 415 6.12 2.24 -7.17
C SER B 415 7.23 2.93 -6.38
N ALA B 416 6.86 3.78 -5.42
CA ALA B 416 7.86 4.42 -4.59
C ALA B 416 8.65 3.39 -3.78
N PHE B 417 7.95 2.40 -3.22
CA PHE B 417 8.61 1.31 -2.51
C PHE B 417 9.50 0.47 -3.44
N ALA B 418 9.03 0.19 -4.65
CA ALA B 418 9.85 -0.54 -5.60
C ALA B 418 11.11 0.25 -5.96
N ALA B 419 10.98 1.57 -6.12
CA ALA B 419 12.12 2.41 -6.40
C ALA B 419 13.11 2.41 -5.25
N GLY B 420 12.61 2.47 -4.01
CA GLY B 420 13.49 2.37 -2.86
C GLY B 420 14.22 1.05 -2.79
N ILE B 421 13.52 -0.05 -3.08
CA ILE B 421 14.16 -1.35 -3.14
C ILE B 421 15.25 -1.42 -4.20
N LEU B 422 14.98 -0.92 -5.40
CA LEU B 422 15.99 -0.89 -6.45
C LEU B 422 17.18 -0.01 -6.10
N GLU B 423 16.94 1.16 -5.51
CA GLU B 423 18.01 2.06 -5.11
C GLU B 423 18.86 1.49 -3.99
N SER B 424 18.27 0.72 -3.07
CA SER B 424 19.04 0.05 -2.03
C SER B 424 20.03 -0.95 -2.60
N LYS B 425 19.66 -1.68 -3.66
CA LYS B 425 20.58 -2.56 -4.35
C LYS B 425 21.59 -1.81 -5.20
N ARG B 426 21.17 -0.71 -5.84
CA ARG B 426 22.09 0.09 -6.65
C ARG B 426 23.16 0.78 -5.83
N LEU B 427 22.81 1.25 -4.63
CA LEU B 427 23.80 1.91 -3.77
C LEU B 427 24.83 0.93 -3.21
N ASN B 428 24.50 -0.36 -3.13
CA ASN B 428 25.47 -1.34 -2.69
C ASN B 428 26.48 -1.67 -3.78
N LEU B 429 26.09 -1.57 -5.04
CA LEU B 429 26.97 -1.88 -6.16
C LEU B 429 27.99 -0.79 -6.44
N VAL B 430 27.63 0.49 -6.23
CA VAL B 430 28.56 1.59 -6.50
C VAL B 430 29.73 1.62 -5.53
N LYS B 431 29.63 0.93 -4.40
CA LYS B 431 30.75 0.85 -3.47
C LYS B 431 31.87 -0.02 -4.01
N GLU B 432 31.57 -0.97 -4.90
CA GLU B 432 32.56 -1.86 -5.47
C GLU B 432 33.06 -1.35 -6.83
N LYS B 433 32.16 -1.18 -7.79
CA LYS B 433 32.52 -0.80 -9.14
C LYS B 433 31.57 0.27 -9.67
N THR B 434 32.13 1.25 -10.37
CA THR B 434 31.33 2.30 -11.01
C THR B 434 31.84 2.48 -12.43
N ILE B 435 30.92 2.60 -13.38
CA ILE B 435 31.27 2.80 -14.78
C ILE B 435 30.86 4.20 -15.21
N ASN B 436 31.71 4.86 -15.98
CA ASN B 436 31.46 6.22 -16.43
C ASN B 436 30.65 6.22 -17.72
N GLN B 437 29.63 7.08 -17.77
CA GLN B 437 28.83 7.23 -18.98
C GLN B 437 28.55 8.70 -19.20
N THR B 438 28.31 9.06 -20.47
CA THR B 438 28.07 10.45 -20.85
C THR B 438 26.68 10.58 -21.43
N ILE B 439 25.87 11.48 -20.84
CA ILE B 439 24.52 11.72 -21.35
C ILE B 439 24.40 13.18 -21.80
N GLY B 440 24.47 14.11 -20.85
CA GLY B 440 24.33 15.51 -21.17
C GLY B 440 25.66 16.19 -21.37
N ASN B 441 26.56 15.54 -22.11
CA ASN B 441 27.95 15.97 -22.21
C ASN B 441 28.56 16.12 -20.82
N VAL B 442 28.17 15.23 -19.92
CA VAL B 442 28.62 15.23 -18.53
C VAL B 442 28.76 13.79 -18.07
N VAL B 443 29.78 13.53 -17.27
CA VAL B 443 30.11 12.17 -16.86
C VAL B 443 29.30 11.80 -15.62
N TYR B 444 28.69 10.62 -15.65
CA TYR B 444 27.95 10.06 -14.53
C TYR B 444 28.58 8.72 -14.17
N HIS B 445 28.79 8.50 -12.87
CA HIS B 445 29.37 7.26 -12.36
C HIS B 445 28.24 6.30 -12.01
N ALA B 446 27.72 5.63 -13.03
CA ALA B 446 26.61 4.71 -12.86
C ALA B 446 27.09 3.39 -12.29
N ALA B 447 26.13 2.62 -11.77
CA ALA B 447 26.41 1.28 -11.29
C ALA B 447 26.31 0.29 -12.43
N ASP B 448 26.90 -0.89 -12.22
CA ASP B 448 26.86 -1.96 -13.22
C ASP B 448 25.52 -2.69 -13.08
N LEU B 449 24.46 -1.98 -13.44
CA LEU B 449 23.10 -2.51 -13.33
C LEU B 449 22.29 -1.91 -14.48
N SER B 450 21.65 -2.77 -15.27
CA SER B 450 20.94 -2.32 -16.45
C SER B 450 19.79 -1.39 -16.08
N LEU B 451 19.54 -0.40 -16.94
CA LEU B 451 18.44 0.53 -16.73
C LEU B 451 17.09 -0.17 -16.74
N TRP B 452 16.99 -1.33 -17.38
CA TRP B 452 15.70 -1.99 -17.54
C TRP B 452 15.13 -2.48 -16.21
N TRP B 453 15.97 -2.52 -15.17
CA TRP B 453 15.45 -2.87 -13.85
C TRP B 453 14.48 -1.80 -13.33
N GLN B 454 14.49 -0.63 -13.95
CA GLN B 454 13.50 0.40 -13.64
C GLN B 454 12.13 0.12 -14.24
N VAL B 455 12.01 -0.91 -15.08
CA VAL B 455 10.73 -1.18 -15.73
C VAL B 455 9.61 -1.44 -14.74
N PRO B 456 9.78 -2.27 -13.70
CA PRO B 456 8.68 -2.44 -12.74
C PRO B 456 8.23 -1.14 -12.10
N GLN B 457 9.15 -0.34 -11.56
CA GLN B 457 8.77 0.91 -10.91
C GLN B 457 8.11 1.87 -11.89
N TYR B 458 8.37 1.73 -13.19
CA TYR B 458 7.70 2.53 -14.19
C TYR B 458 6.38 1.91 -14.67
N LEU B 459 6.23 0.60 -14.55
CA LEU B 459 4.94 -0.01 -14.85
C LEU B 459 3.87 0.38 -13.84
N LEU B 460 4.27 0.69 -12.60
CA LEU B 460 3.29 1.05 -11.59
C LEU B 460 2.84 2.50 -11.72
N ILE B 461 3.78 3.45 -11.84
CA ILE B 461 3.37 4.82 -12.10
C ILE B 461 2.66 4.94 -13.44
N GLY B 462 2.97 4.08 -14.41
CA GLY B 462 2.16 4.03 -15.61
C GLY B 462 0.74 3.61 -15.31
N ILE B 463 0.55 2.62 -14.42
CA ILE B 463 -0.78 2.21 -14.03
C ILE B 463 -1.46 3.30 -13.21
N SER B 464 -0.70 3.99 -12.36
CA SER B 464 -1.30 5.06 -11.55
C SER B 464 -1.78 6.22 -12.41
N GLU B 465 -0.99 6.64 -13.39
CA GLU B 465 -1.38 7.79 -14.20
C GLU B 465 -2.62 7.50 -15.03
N ILE B 466 -2.73 6.29 -15.59
CA ILE B 466 -3.96 5.93 -16.31
C ILE B 466 -5.13 5.73 -15.37
N PHE B 467 -4.88 5.67 -14.06
CA PHE B 467 -5.93 5.60 -13.06
C PHE B 467 -6.15 6.91 -12.33
N ALA B 468 -5.08 7.59 -11.93
CA ALA B 468 -5.23 8.78 -11.11
C ALA B 468 -5.28 10.06 -11.94
N SER B 469 -4.39 10.19 -12.94
CA SER B 469 -4.32 11.44 -13.70
C SER B 469 -5.60 11.66 -14.52
N ILE B 470 -6.10 10.61 -15.17
CA ILE B 470 -7.31 10.74 -15.97
C ILE B 470 -8.53 10.96 -15.07
N ALA B 471 -8.63 10.21 -13.96
CA ALA B 471 -9.75 10.36 -13.05
C ALA B 471 -9.78 11.74 -12.39
N GLY B 472 -8.63 12.31 -12.05
CA GLY B 472 -8.61 13.66 -11.51
C GLY B 472 -9.14 14.69 -12.48
N LEU B 473 -8.73 14.61 -13.75
CA LEU B 473 -9.25 15.51 -14.76
C LEU B 473 -10.75 15.34 -14.94
N GLU B 474 -11.22 14.10 -15.02
CA GLU B 474 -12.65 13.87 -15.21
C GLU B 474 -13.47 14.27 -13.99
N PHE B 475 -12.91 14.18 -12.78
CA PHE B 475 -13.58 14.65 -11.59
C PHE B 475 -13.64 16.18 -11.55
N ALA B 476 -12.52 16.84 -11.85
CA ALA B 476 -12.55 18.30 -11.90
C ALA B 476 -13.50 18.80 -12.98
N TYR B 477 -13.68 18.03 -14.06
CA TYR B 477 -14.65 18.40 -15.07
C TYR B 477 -16.08 18.16 -14.60
N SER B 478 -16.33 17.03 -13.95
CA SER B 478 -17.69 16.63 -13.58
C SER B 478 -18.18 17.27 -12.29
N ALA B 479 -17.29 17.59 -11.35
CA ALA B 479 -17.69 18.16 -10.07
C ALA B 479 -17.81 19.68 -10.11
N ALA B 480 -17.45 20.31 -11.20
CA ALA B 480 -17.54 21.76 -11.31
C ALA B 480 -18.93 22.19 -11.73
N PRO B 481 -19.36 23.37 -11.31
CA PRO B 481 -20.62 23.92 -11.81
C PRO B 481 -20.55 24.20 -13.30
N LYS B 482 -21.72 24.17 -13.95
CA LYS B 482 -21.76 24.35 -15.40
C LYS B 482 -21.23 25.72 -15.80
N SER B 483 -21.59 26.75 -15.04
CA SER B 483 -21.09 28.10 -15.33
C SER B 483 -19.59 28.19 -15.10
N MET B 484 -19.10 27.60 -14.00
CA MET B 484 -17.71 27.69 -13.61
C MET B 484 -17.04 26.33 -13.87
N GLN B 485 -16.54 26.15 -15.09
CA GLN B 485 -15.82 24.93 -15.43
C GLN B 485 -14.35 25.19 -15.67
N SER B 486 -14.02 26.18 -16.52
CA SER B 486 -12.63 26.51 -16.79
C SER B 486 -11.93 27.02 -15.53
N ALA B 487 -12.62 27.79 -14.70
CA ALA B 487 -12.02 28.29 -13.47
C ALA B 487 -11.68 27.14 -12.52
N ILE B 488 -12.59 26.17 -12.38
CA ILE B 488 -12.32 25.04 -11.50
C ILE B 488 -11.19 24.18 -12.06
N MET B 489 -11.16 23.98 -13.38
CA MET B 489 -10.07 23.24 -13.98
C MET B 489 -8.74 23.96 -13.78
N GLY B 490 -8.74 25.29 -13.88
CA GLY B 490 -7.54 26.05 -13.62
C GLY B 490 -7.09 25.96 -12.18
N LEU B 491 -8.04 25.98 -11.25
CA LEU B 491 -7.72 25.78 -9.84
C LEU B 491 -7.13 24.39 -9.59
N PHE B 492 -7.59 23.38 -10.32
CA PHE B 492 -7.01 22.05 -10.21
C PHE B 492 -5.51 22.06 -10.54
N PHE B 493 -5.14 22.68 -11.66
CA PHE B 493 -3.73 22.80 -12.02
C PHE B 493 -2.96 23.72 -11.10
N PHE B 494 -3.59 24.77 -10.57
CA PHE B 494 -2.94 25.61 -9.58
C PHE B 494 -2.59 24.83 -8.32
N PHE B 495 -3.51 23.98 -7.84
CA PHE B 495 -3.20 23.13 -6.70
C PHE B 495 -2.16 22.07 -7.04
N SER B 496 -2.14 21.58 -8.28
CA SER B 496 -1.06 20.70 -8.70
C SER B 496 0.28 21.41 -8.62
N GLY B 497 0.35 22.67 -9.06
CA GLY B 497 1.58 23.42 -8.93
C GLY B 497 1.95 23.71 -7.49
N VAL B 498 0.95 23.96 -6.65
CA VAL B 498 1.20 24.15 -5.23
C VAL B 498 1.83 22.89 -4.63
N GLY B 499 1.29 21.72 -5.00
CA GLY B 499 1.90 20.47 -4.62
C GLY B 499 3.32 20.28 -5.13
N SER B 500 3.59 20.67 -6.37
CA SER B 500 4.95 20.62 -6.91
C SER B 500 5.92 21.50 -6.12
N PHE B 501 5.52 22.72 -5.77
CA PHE B 501 6.36 23.57 -4.95
C PHE B 501 6.54 23.07 -3.53
N VAL B 502 5.49 22.48 -2.94
CA VAL B 502 5.64 21.83 -1.65
C VAL B 502 6.62 20.66 -1.75
N GLY B 503 6.59 19.92 -2.85
CA GLY B 503 7.58 18.87 -3.06
C GLY B 503 8.99 19.38 -3.17
N SER B 504 9.18 20.48 -3.89
CA SER B 504 10.50 21.11 -3.94
C SER B 504 10.96 21.56 -2.56
N GLY B 505 10.07 22.14 -1.75
CA GLY B 505 10.41 22.49 -0.39
C GLY B 505 10.75 21.28 0.46
N LEU B 506 10.02 20.18 0.31
CA LEU B 506 10.33 18.94 1.01
C LEU B 506 11.70 18.39 0.62
N LEU B 507 12.03 18.41 -0.67
CA LEU B 507 13.35 18.02 -1.12
C LEU B 507 14.44 18.91 -0.54
N ALA B 508 14.21 20.22 -0.47
CA ALA B 508 15.15 21.12 0.19
C ALA B 508 15.20 20.93 1.70
N LEU B 509 14.17 20.32 2.31
CA LEU B 509 14.15 20.08 3.74
C LEU B 509 15.01 18.90 4.15
N VAL B 510 14.96 17.79 3.41
CA VAL B 510 15.77 16.62 3.74
C VAL B 510 17.23 16.81 3.41
N SER B 511 17.59 17.89 2.72
CA SER B 511 18.97 18.15 2.33
C SER B 511 19.73 18.96 3.36
N ILE B 512 19.12 19.26 4.50
CA ILE B 512 19.79 20.03 5.54
C ILE B 512 20.90 19.20 6.17
N LYS B 513 21.74 19.86 6.97
CA LYS B 513 22.87 19.17 7.60
C LYS B 513 22.37 18.09 8.57
N ALA B 514 21.23 18.32 9.21
CA ALA B 514 20.72 17.37 10.19
C ALA B 514 20.36 16.03 9.55
N ILE B 515 19.78 16.04 8.35
CA ILE B 515 19.36 14.84 7.66
C ILE B 515 20.23 14.67 6.43
N GLY B 516 21.01 13.59 6.38
CA GLY B 516 21.95 13.38 5.30
C GLY B 516 21.36 12.95 3.98
N TRP B 517 20.04 12.80 3.90
CA TRP B 517 19.42 12.31 2.68
C TRP B 517 19.53 13.35 1.57
N MET B 518 20.04 12.92 0.42
CA MET B 518 20.13 13.76 -0.78
C MET B 518 20.80 15.10 -0.46
N SER B 519 22.07 15.02 -0.08
CA SER B 519 22.83 16.19 0.35
C SER B 519 23.95 16.57 -0.61
N SER B 520 24.01 15.92 -1.77
CA SER B 520 25.05 16.19 -2.76
C SER B 520 24.58 17.21 -3.81
N HIS B 521 24.28 18.41 -3.35
CA HIS B 521 24.03 19.56 -4.23
C HIS B 521 22.77 19.41 -5.06
N THR B 522 22.72 20.11 -6.20
CA THR B 522 21.51 20.23 -6.98
C THR B 522 21.26 18.96 -7.80
N ASP B 523 20.20 19.01 -8.62
CA ASP B 523 19.83 17.88 -9.45
C ASP B 523 20.83 17.69 -10.59
N PHE B 524 20.73 16.54 -11.25
CA PHE B 524 21.59 16.17 -12.37
C PHE B 524 23.07 16.23 -11.96
N GLY B 525 23.33 15.63 -10.81
CA GLY B 525 24.68 15.57 -10.28
C GLY B 525 25.10 14.15 -9.93
N ASN B 526 25.68 13.97 -8.75
CA ASN B 526 26.11 12.66 -8.28
C ASN B 526 25.29 12.29 -7.06
N ILE B 527 24.63 11.14 -7.13
CA ILE B 527 23.77 10.68 -6.04
C ILE B 527 24.36 9.45 -5.35
N ASN B 528 25.61 9.11 -5.64
CA ASN B 528 26.26 7.98 -5.00
C ASN B 528 26.62 8.26 -3.55
N GLY B 529 26.70 9.52 -3.15
CA GLY B 529 26.92 9.87 -1.76
C GLY B 529 25.64 10.23 -1.06
N CYS B 530 24.55 10.28 -1.83
CA CYS B 530 23.23 10.57 -1.30
C CYS B 530 22.58 9.30 -0.77
N TYR B 531 21.44 9.48 -0.12
CA TYR B 531 20.59 8.36 0.31
C TYR B 531 19.23 8.53 -0.35
N LEU B 532 19.12 8.07 -1.60
CA LEU B 532 17.89 8.25 -2.36
C LEU B 532 16.86 7.19 -2.02
N ASN B 533 17.29 6.01 -1.57
CA ASN B 533 16.36 4.98 -1.13
C ASN B 533 15.55 5.42 0.08
N TYR B 534 16.18 6.10 1.04
CA TYR B 534 15.44 6.64 2.18
C TYR B 534 14.45 7.70 1.74
N TYR B 535 14.83 8.55 0.78
CA TYR B 535 13.90 9.54 0.25
C TYR B 535 12.71 8.87 -0.43
N PHE B 536 12.95 7.80 -1.19
CA PHE B 536 11.87 7.05 -1.80
C PHE B 536 10.95 6.40 -0.78
N PHE B 537 11.51 5.83 0.28
CA PHE B 537 10.69 5.25 1.34
C PHE B 537 9.86 6.31 2.07
N LEU B 538 10.44 7.47 2.34
CA LEU B 538 9.67 8.57 2.92
C LEU B 538 8.55 9.02 2.00
N LEU B 539 8.81 9.11 0.70
CA LEU B 539 7.76 9.46 -0.25
C LEU B 539 6.66 8.41 -0.26
N ALA B 540 7.04 7.13 -0.17
CA ALA B 540 6.03 6.07 -0.10
C ALA B 540 5.18 6.19 1.16
N ALA B 541 5.80 6.47 2.30
CA ALA B 541 5.04 6.63 3.53
C ALA B 541 4.09 7.82 3.45
N ILE B 542 4.56 8.95 2.90
CA ILE B 542 3.71 10.11 2.73
C ILE B 542 2.55 9.79 1.80
N GLN B 543 2.81 9.06 0.72
CA GLN B 543 1.76 8.70 -0.22
C GLN B 543 0.73 7.78 0.44
N GLY B 544 1.17 6.84 1.27
CA GLY B 544 0.23 6.01 1.99
C GLY B 544 -0.64 6.79 2.95
N ALA B 545 -0.02 7.72 3.70
CA ALA B 545 -0.80 8.54 4.62
C ALA B 545 -1.83 9.39 3.87
N THR B 546 -1.42 10.01 2.78
CA THR B 546 -2.36 10.85 2.03
C THR B 546 -3.40 9.99 1.31
N LEU B 547 -3.06 8.75 0.98
CA LEU B 547 -4.06 7.83 0.43
C LEU B 547 -5.13 7.54 1.47
N LEU B 548 -4.73 7.28 2.71
CA LEU B 548 -5.71 7.06 3.76
C LEU B 548 -6.58 8.29 3.97
N LEU B 549 -5.95 9.47 3.99
CA LEU B 549 -6.71 10.71 4.19
C LEU B 549 -7.70 10.94 3.04
N PHE B 550 -7.26 10.72 1.81
CA PHE B 550 -8.10 10.92 0.64
C PHE B 550 -9.26 9.92 0.62
N LEU B 551 -9.01 8.68 1.02
CA LEU B 551 -10.09 7.72 1.19
C LEU B 551 -11.08 8.14 2.26
N ILE B 552 -10.60 8.71 3.36
CA ILE B 552 -11.52 9.22 4.39
C ILE B 552 -12.38 10.35 3.84
N ILE B 553 -11.81 11.32 3.11
CA ILE B 553 -12.62 12.44 2.66
C ILE B 553 -13.48 12.08 1.45
N SER B 554 -13.05 11.15 0.61
CA SER B 554 -13.82 10.79 -0.57
C SER B 554 -15.15 10.14 -0.22
N VAL B 555 -15.20 9.41 0.90
CA VAL B 555 -16.48 8.90 1.38
C VAL B 555 -17.38 10.03 1.86
N LYS B 556 -16.83 11.02 2.55
CA LYS B 556 -17.59 12.17 3.02
C LYS B 556 -18.02 13.10 1.90
N TYR B 557 -17.51 12.89 0.69
CA TYR B 557 -17.93 13.65 -0.48
C TYR B 557 -18.91 12.89 -1.35
N ASP B 558 -18.74 11.58 -1.53
CA ASP B 558 -19.65 10.77 -2.32
C ASP B 558 -21.01 10.58 -1.66
N HIS B 559 -21.14 10.93 -0.38
CA HIS B 559 -22.42 10.89 0.31
C HIS B 559 -23.27 12.11 0.00
N HIS B 560 -22.73 13.08 -0.74
CA HIS B 560 -23.50 14.23 -1.20
C HIS B 560 -23.66 14.24 -2.71
N ARG B 561 -23.30 13.15 -3.39
CA ARG B 561 -23.43 13.05 -4.84
C ARG B 561 -24.81 12.57 -5.26
N ASP B 562 -25.30 11.49 -4.64
CA ASP B 562 -26.59 10.91 -4.99
C ASP B 562 -27.37 10.51 -3.74
N HIS B 563 -26.94 10.99 -2.57
CA HIS B 563 -27.65 10.68 -1.33
C HIS B 563 -28.27 11.93 -0.74
N GLN B 564 -27.46 12.94 -0.46
CA GLN B 564 -27.98 14.21 0.04
C GLN B 564 -28.18 15.20 -1.10
N ARG B 565 -27.09 15.53 -1.78
CA ARG B 565 -27.08 16.48 -2.91
C ARG B 565 -27.98 17.69 -2.71
#